data_1X0V
#
_entry.id   1X0V
#
_cell.length_a   113.488
_cell.length_b   113.488
_cell.length_c   155.436
_cell.angle_alpha   90.00
_cell.angle_beta   90.00
_cell.angle_gamma   90.00
#
_symmetry.space_group_name_H-M   'P 43 21 2'
#
loop_
_entity.id
_entity.type
_entity.pdbx_description
1 polymer 'Glycerol-3-phosphate dehydrogenase [NAD+], cytoplasmic'
2 non-polymer 'SULFATE ION'
3 water water
#
_entity_poly.entity_id   1
_entity_poly.type   'polypeptide(L)'
_entity_poly.pdbx_seq_one_letter_code
;GPLGS(MSE)ASKKVCIVGSGNWGSAIAKIVGGNAAQLAQFDPRVT(MSE)WVFEEDIGGKKLTEIINTQHENVKYLPGH
KLPPNVVAVPDVVQAAEDADILIFVVPHQFIGKICDQLKGHLKANATGISLIKGVDEGPNGLKLISEVIGERLGIP
(MSE)SVL(MSE)GANIASEVADEKFCETTIGCKDPAQGQLLKEL(MSE)QTPNFRITVVQEVDTVEICGALKNVVAVGA
GFCDGLGFGDNTKAAVIRLGL(MSE)E(MSE)IAFAKLFCSGPVSSATFLESCGVADLITTCYGGRNRKVAEAFARTGKS
IEQLEKELLNGQKLQGPETARELYSILQHKGLVDKFPLF(MSE)AVYKVCYEGQPVGEFIHCLQNHPEH(MSE)
;
_entity_poly.pdbx_strand_id   A,B
#
loop_
_chem_comp.id
_chem_comp.type
_chem_comp.name
_chem_comp.formula
SO4 non-polymer 'SULFATE ION' 'O4 S -2'
#
# COMPACT_ATOMS: atom_id res chain seq x y z
N ALA A 7 -2.26 29.76 -31.33
CA ALA A 7 -0.87 29.98 -30.80
C ALA A 7 -0.51 29.00 -29.68
N SER A 8 0.77 28.93 -29.35
CA SER A 8 1.22 28.05 -28.28
C SER A 8 0.68 28.54 -26.94
N LYS A 9 0.42 27.61 -26.03
CA LYS A 9 -0.13 27.90 -24.71
C LYS A 9 0.89 28.39 -23.71
N LYS A 10 0.59 29.49 -23.02
CA LYS A 10 1.49 30.01 -22.00
C LYS A 10 1.11 29.35 -20.64
N VAL A 11 2.12 28.92 -19.88
CA VAL A 11 1.87 28.26 -18.62
C VAL A 11 2.43 29.05 -17.44
N CYS A 12 1.66 29.14 -16.36
CA CYS A 12 2.11 29.82 -15.13
C CYS A 12 1.99 28.85 -13.96
N ILE A 13 3.08 28.67 -13.23
CA ILE A 13 3.10 27.77 -12.09
C ILE A 13 2.95 28.67 -10.89
N VAL A 14 1.76 28.63 -10.28
CA VAL A 14 1.50 29.43 -9.09
C VAL A 14 1.89 28.60 -7.87
N GLY A 15 3.12 28.80 -7.41
CA GLY A 15 3.63 28.08 -6.27
C GLY A 15 5.08 27.76 -6.59
N SER A 16 5.94 27.70 -5.60
CA SER A 16 7.35 27.38 -5.86
C SER A 16 8.04 26.64 -4.73
N GLY A 17 7.25 25.88 -3.97
CA GLY A 17 7.82 25.10 -2.88
C GLY A 17 8.50 23.79 -3.33
N ASN A 18 8.41 22.77 -2.50
CA ASN A 18 8.99 21.46 -2.77
C ASN A 18 8.34 20.88 -4.02
N TRP A 19 7.03 20.72 -3.99
CA TRP A 19 6.27 20.15 -5.11
C TRP A 19 6.27 21.10 -6.32
N GLY A 20 5.98 22.38 -6.09
CA GLY A 20 5.99 23.35 -7.17
C GLY A 20 7.30 23.40 -7.93
N SER A 21 8.43 23.31 -7.22
CA SER A 21 9.71 23.37 -7.87
C SER A 21 9.98 22.12 -8.68
N ALA A 22 9.56 20.96 -8.16
CA ALA A 22 9.79 19.73 -8.91
C ALA A 22 8.92 19.80 -10.18
N ILE A 23 7.71 20.30 -10.03
CA ILE A 23 6.82 20.43 -11.18
C ILE A 23 7.45 21.36 -12.21
N ALA A 24 8.06 22.45 -11.77
CA ALA A 24 8.69 23.42 -12.71
C ALA A 24 9.75 22.70 -13.54
N LYS A 25 10.42 21.73 -12.93
CA LYS A 25 11.44 20.97 -13.65
C LYS A 25 10.73 20.25 -14.79
N ILE A 26 9.66 19.55 -14.47
CA ILE A 26 8.89 18.81 -15.45
C ILE A 26 8.27 19.69 -16.53
N VAL A 27 7.57 20.73 -16.10
CA VAL A 27 6.88 21.62 -17.03
C VAL A 27 7.86 22.44 -17.84
N GLY A 28 8.90 22.95 -17.19
CA GLY A 28 9.91 23.71 -17.91
C GLY A 28 10.57 22.84 -18.97
N GLY A 29 10.83 21.57 -18.66
CA GLY A 29 11.43 20.74 -19.70
C GLY A 29 10.42 20.46 -20.82
N ASN A 30 9.22 20.03 -20.48
CA ASN A 30 8.27 19.73 -21.55
C ASN A 30 7.96 20.95 -22.43
N ALA A 31 7.79 22.13 -21.82
CA ALA A 31 7.51 23.34 -22.58
C ALA A 31 8.59 23.73 -23.59
N ALA A 32 9.86 23.47 -23.26
CA ALA A 32 10.95 23.78 -24.16
C ALA A 32 11.02 22.73 -25.25
N GLN A 33 10.50 21.56 -24.99
CA GLN A 33 10.61 20.56 -26.01
C GLN A 33 9.32 20.39 -26.82
N LEU A 34 8.21 21.00 -26.41
CA LEU A 34 6.96 20.86 -27.15
C LEU A 34 6.46 22.16 -27.71
N ALA A 35 6.29 22.21 -29.02
CA ALA A 35 5.84 23.44 -29.69
C ALA A 35 4.51 24.00 -29.24
N GLN A 36 3.59 23.16 -28.75
CA GLN A 36 2.27 23.69 -28.38
C GLN A 36 2.30 24.46 -27.07
N PHE A 37 3.43 24.41 -26.37
CA PHE A 37 3.57 25.16 -25.13
C PHE A 37 4.67 26.18 -25.30
N ASP A 38 4.36 27.43 -24.93
CA ASP A 38 5.31 28.51 -25.04
C ASP A 38 6.43 28.09 -24.11
N PRO A 39 7.69 28.20 -24.56
CA PRO A 39 8.82 27.82 -23.71
C PRO A 39 9.03 28.68 -22.46
N ARG A 40 8.46 29.88 -22.44
CA ARG A 40 8.62 30.73 -21.27
C ARG A 40 7.60 30.34 -20.23
N VAL A 41 8.07 29.75 -19.15
CA VAL A 41 7.16 29.34 -18.11
C VAL A 41 7.38 30.21 -16.89
N THR A 42 6.33 30.90 -16.46
CA THR A 42 6.50 31.72 -15.27
C THR A 42 6.20 30.90 -14.02
N MSE A 43 6.91 31.24 -12.97
CA MSE A 43 6.67 30.61 -11.69
C MSE A 43 6.43 31.71 -10.64
O MSE A 43 7.35 32.52 -10.35
CB MSE A 43 7.86 29.76 -11.27
CG MSE A 43 7.64 29.16 -9.91
SE MSE A 43 8.88 27.70 -9.62
CE MSE A 43 10.51 28.73 -9.38
N TRP A 44 5.22 31.77 -10.09
CA TRP A 44 4.97 32.77 -9.05
C TRP A 44 5.68 32.34 -7.79
N VAL A 45 6.63 33.15 -7.36
CA VAL A 45 7.43 32.91 -6.17
C VAL A 45 7.16 33.98 -5.08
N PHE A 46 6.55 33.58 -3.98
CA PHE A 46 6.31 34.50 -2.87
C PHE A 46 7.71 34.90 -2.40
N GLU A 47 8.12 36.13 -2.73
CA GLU A 47 9.45 36.69 -2.42
C GLU A 47 9.99 36.52 -1.00
N GLU A 48 11.29 36.25 -0.89
CA GLU A 48 11.96 36.04 0.40
C GLU A 48 13.36 36.65 0.37
N ASP A 49 13.92 36.91 1.56
CA ASP A 49 15.29 37.44 1.65
C ASP A 49 16.24 36.32 2.10
N ILE A 50 17.14 35.90 1.21
CA ILE A 50 18.08 34.84 1.51
C ILE A 50 19.53 35.33 1.49
N GLY A 51 20.04 35.69 2.66
CA GLY A 51 21.40 36.18 2.77
C GLY A 51 21.57 37.55 2.16
N GLY A 52 20.57 38.39 2.37
CA GLY A 52 20.64 39.73 1.81
C GLY A 52 20.53 39.71 0.29
N LYS A 53 19.62 38.88 -0.24
CA LYS A 53 19.36 38.76 -1.67
C LYS A 53 17.90 38.37 -1.82
N LYS A 54 17.30 38.70 -2.96
CA LYS A 54 15.91 38.35 -3.21
C LYS A 54 15.90 36.89 -3.74
N LEU A 55 14.97 36.08 -3.25
CA LEU A 55 14.89 34.69 -3.67
C LEU A 55 14.65 34.59 -5.20
N THR A 56 13.79 35.45 -5.76
CA THR A 56 13.53 35.41 -7.19
C THR A 56 14.74 35.72 -8.05
N GLU A 57 15.58 36.65 -7.60
CA GLU A 57 16.78 36.99 -8.38
C GLU A 57 17.79 35.83 -8.37
N ILE A 58 17.77 35.03 -7.30
CA ILE A 58 18.65 33.87 -7.14
C ILE A 58 18.25 32.72 -8.07
N ILE A 59 16.94 32.45 -8.13
CA ILE A 59 16.37 31.42 -8.97
C ILE A 59 16.64 31.80 -10.41
N ASN A 60 16.40 33.06 -10.76
CA ASN A 60 16.61 33.48 -12.14
C ASN A 60 18.06 33.61 -12.53
N THR A 61 18.93 33.64 -11.53
CA THR A 61 20.35 33.79 -11.80
C THR A 61 21.09 32.46 -11.73
N GLN A 62 20.77 31.63 -10.75
CA GLN A 62 21.46 30.35 -10.67
C GLN A 62 20.59 29.16 -11.09
N HIS A 63 19.33 29.44 -11.39
CA HIS A 63 18.38 28.41 -11.82
C HIS A 63 18.30 27.22 -10.88
N GLU A 64 18.05 27.55 -9.62
CA GLU A 64 17.88 26.57 -8.57
C GLU A 64 17.14 27.26 -7.44
N ASN A 65 16.37 26.47 -6.71
CA ASN A 65 15.60 26.93 -5.55
C ASN A 65 15.96 25.91 -4.47
N VAL A 66 17.25 25.83 -4.14
CA VAL A 66 17.75 24.85 -3.18
C VAL A 66 17.10 24.88 -1.81
N LYS A 67 16.52 26.01 -1.41
CA LYS A 67 15.89 26.02 -0.10
C LYS A 67 14.73 25.04 -0.09
N TYR A 68 13.99 24.97 -1.20
CA TYR A 68 12.83 24.08 -1.29
C TYR A 68 13.00 22.78 -2.09
N LEU A 69 13.87 22.79 -3.08
CA LEU A 69 14.12 21.59 -3.83
C LEU A 69 15.62 21.52 -3.91
N PRO A 70 16.23 20.93 -2.87
CA PRO A 70 17.68 20.77 -2.74
C PRO A 70 18.28 19.82 -3.76
N GLY A 71 19.46 20.20 -4.27
CA GLY A 71 20.20 19.36 -5.20
C GLY A 71 19.80 19.32 -6.65
N HIS A 72 18.99 20.27 -7.09
CA HIS A 72 18.55 20.26 -8.47
C HIS A 72 18.51 21.63 -9.07
N LYS A 73 18.75 21.69 -10.37
CA LYS A 73 18.68 22.96 -11.09
C LYS A 73 17.26 22.95 -11.62
N LEU A 74 16.80 24.11 -12.05
CA LEU A 74 15.50 24.24 -12.67
C LEU A 74 15.82 24.55 -14.14
N PRO A 75 14.93 24.20 -15.07
CA PRO A 75 15.24 24.53 -16.47
C PRO A 75 15.40 26.06 -16.57
N PRO A 76 16.39 26.54 -17.37
CA PRO A 76 16.66 27.97 -17.55
C PRO A 76 15.49 28.82 -18.03
N ASN A 77 14.51 28.20 -18.71
CA ASN A 77 13.35 28.90 -19.25
C ASN A 77 12.26 29.17 -18.20
N VAL A 78 12.41 28.63 -16.99
CA VAL A 78 11.41 28.92 -15.96
C VAL A 78 11.82 30.22 -15.26
N VAL A 79 10.91 31.19 -15.26
CA VAL A 79 11.17 32.51 -14.68
C VAL A 79 10.44 32.76 -13.38
N ALA A 80 11.22 33.03 -12.33
CA ALA A 80 10.63 33.33 -11.04
C ALA A 80 10.10 34.76 -11.11
N VAL A 81 8.81 34.92 -10.86
CA VAL A 81 8.17 36.23 -10.88
C VAL A 81 7.54 36.46 -9.51
N PRO A 82 8.02 37.47 -8.73
CA PRO A 82 7.52 37.81 -7.38
C PRO A 82 6.07 38.27 -7.22
N ASP A 83 5.53 38.88 -8.27
CA ASP A 83 4.14 39.35 -8.25
C ASP A 83 3.24 38.31 -8.97
N VAL A 84 2.21 37.84 -8.29
CA VAL A 84 1.36 36.82 -8.88
C VAL A 84 0.55 37.26 -10.08
N VAL A 85 0.03 38.48 -10.06
CA VAL A 85 -0.76 38.97 -11.19
C VAL A 85 0.14 38.97 -12.42
N GLN A 86 1.36 39.47 -12.27
CA GLN A 86 2.31 39.51 -13.36
C GLN A 86 2.77 38.12 -13.76
N ALA A 87 2.94 37.22 -12.80
CA ALA A 87 3.35 35.88 -13.20
C ALA A 87 2.24 35.24 -14.01
N ALA A 88 0.98 35.51 -13.67
CA ALA A 88 -0.15 34.86 -14.30
C ALA A 88 -0.97 35.54 -15.40
N GLU A 89 -0.97 36.86 -15.43
CA GLU A 89 -1.79 37.59 -16.38
C GLU A 89 -1.88 37.05 -17.81
N ASP A 90 -0.77 36.54 -18.35
CA ASP A 90 -0.77 36.04 -19.74
C ASP A 90 -0.97 34.56 -19.94
N ALA A 91 -1.07 33.82 -18.85
CA ALA A 91 -1.19 32.38 -18.93
C ALA A 91 -2.49 31.88 -19.46
N ASP A 92 -2.41 30.77 -20.19
CA ASP A 92 -3.58 30.07 -20.73
C ASP A 92 -3.84 28.87 -19.80
N ILE A 93 -2.80 28.41 -19.12
CA ILE A 93 -2.92 27.28 -18.17
C ILE A 93 -2.24 27.66 -16.87
N LEU A 94 -3.01 27.64 -15.78
CA LEU A 94 -2.49 27.94 -14.45
C LEU A 94 -2.44 26.66 -13.59
N ILE A 95 -1.26 26.38 -13.04
CA ILE A 95 -1.01 25.20 -12.22
C ILE A 95 -0.96 25.73 -10.79
N PHE A 96 -1.97 25.39 -9.98
CA PHE A 96 -1.99 25.87 -8.59
C PHE A 96 -1.31 24.84 -7.70
N VAL A 97 -0.23 25.28 -7.09
CA VAL A 97 0.54 24.39 -6.27
C VAL A 97 1.25 25.20 -5.20
N VAL A 98 0.42 25.90 -4.42
CA VAL A 98 0.86 26.72 -3.29
C VAL A 98 0.34 26.16 -1.98
N PRO A 99 1.02 26.47 -0.87
CA PRO A 99 0.59 25.99 0.46
C PRO A 99 -0.83 26.52 0.67
N HIS A 100 -1.69 25.67 1.22
CA HIS A 100 -3.09 25.99 1.51
C HIS A 100 -3.33 27.40 2.00
N GLN A 101 -2.51 27.86 2.94
CA GLN A 101 -2.71 29.19 3.54
C GLN A 101 -2.71 30.36 2.56
N PHE A 102 -1.99 30.21 1.44
CA PHE A 102 -1.90 31.26 0.43
C PHE A 102 -2.99 31.30 -0.64
N ILE A 103 -3.84 30.29 -0.74
CA ILE A 103 -4.82 30.35 -1.82
C ILE A 103 -5.81 31.47 -1.75
N GLY A 104 -6.09 31.96 -0.54
CA GLY A 104 -7.05 33.04 -0.39
C GLY A 104 -6.51 34.34 -0.96
N LYS A 105 -5.36 34.74 -0.46
CA LYS A 105 -4.75 35.96 -0.92
C LYS A 105 -4.65 35.87 -2.44
N ILE A 106 -3.95 34.86 -2.95
CA ILE A 106 -3.75 34.62 -4.38
C ILE A 106 -5.02 34.78 -5.18
N CYS A 107 -6.10 34.19 -4.71
CA CYS A 107 -7.36 34.31 -5.42
C CYS A 107 -7.93 35.73 -5.42
N ASP A 108 -7.67 36.50 -4.37
CA ASP A 108 -8.19 37.85 -4.40
C ASP A 108 -7.37 38.76 -5.29
N GLN A 109 -6.06 38.53 -5.41
CA GLN A 109 -5.22 39.36 -6.28
C GLN A 109 -5.41 39.10 -7.78
N LEU A 110 -5.67 37.83 -8.11
CA LEU A 110 -5.85 37.40 -9.49
C LEU A 110 -7.22 37.60 -10.04
N LYS A 111 -8.24 37.66 -9.20
CA LYS A 111 -9.61 37.80 -9.69
C LYS A 111 -9.70 38.93 -10.71
N GLY A 112 -10.30 38.67 -11.86
CA GLY A 112 -10.40 39.72 -12.87
C GLY A 112 -9.14 40.07 -13.66
N HIS A 113 -8.02 39.41 -13.39
CA HIS A 113 -6.78 39.70 -14.13
C HIS A 113 -6.21 38.56 -14.96
N LEU A 114 -7.06 37.59 -15.35
CA LEU A 114 -6.60 36.43 -16.13
C LEU A 114 -7.10 36.50 -17.58
N LYS A 115 -6.49 35.75 -18.51
CA LYS A 115 -6.97 35.77 -19.90
C LYS A 115 -8.35 35.14 -19.86
N ALA A 116 -9.24 35.60 -20.74
CA ALA A 116 -10.61 35.08 -20.74
C ALA A 116 -10.74 33.56 -20.93
N ASN A 117 -9.77 32.93 -21.58
CA ASN A 117 -9.91 31.49 -21.77
C ASN A 117 -9.01 30.63 -20.87
N ALA A 118 -8.37 31.28 -19.89
CA ALA A 118 -7.49 30.61 -18.95
C ALA A 118 -8.16 29.38 -18.32
N THR A 119 -7.38 28.34 -18.07
CA THR A 119 -7.87 27.11 -17.46
C THR A 119 -6.92 26.81 -16.33
N GLY A 120 -7.39 26.09 -15.33
CA GLY A 120 -6.50 25.78 -14.22
C GLY A 120 -6.46 24.30 -13.91
N ILE A 121 -5.46 23.97 -13.11
CA ILE A 121 -5.35 22.62 -12.62
C ILE A 121 -4.79 22.77 -11.20
N SER A 122 -5.41 22.09 -10.25
CA SER A 122 -4.96 22.16 -8.87
C SER A 122 -4.13 20.95 -8.45
N LEU A 123 -2.98 21.18 -7.80
CA LEU A 123 -2.13 20.10 -7.28
C LEU A 123 -2.10 20.09 -5.74
N ILE A 124 -2.91 20.97 -5.13
CA ILE A 124 -3.02 21.14 -3.66
C ILE A 124 -3.81 20.02 -2.99
N LYS A 125 -3.25 19.46 -1.93
CA LYS A 125 -3.91 18.35 -1.26
C LYS A 125 -4.45 18.78 0.08
N GLY A 126 -5.74 19.10 0.10
CA GLY A 126 -6.37 19.56 1.33
C GLY A 126 -7.80 19.87 0.99
N VAL A 127 -8.59 20.23 1.99
CA VAL A 127 -9.99 20.60 1.74
C VAL A 127 -10.16 22.01 2.28
N ASP A 128 -11.30 22.64 1.98
CA ASP A 128 -11.46 24.00 2.44
C ASP A 128 -11.86 24.13 3.88
N GLU A 129 -11.07 24.93 4.60
CA GLU A 129 -11.19 25.26 6.01
C GLU A 129 -12.37 26.15 6.38
N GLY A 130 -13.29 25.64 7.21
CA GLY A 130 -14.41 26.48 7.61
C GLY A 130 -15.73 26.37 6.85
N PRO A 131 -15.73 26.42 5.48
CA PRO A 131 -17.02 26.32 4.79
C PRO A 131 -17.55 24.98 5.23
N ASN A 132 -18.46 25.01 6.20
CA ASN A 132 -18.97 23.74 6.69
C ASN A 132 -19.72 23.05 5.58
N GLY A 133 -19.44 21.76 5.49
CA GLY A 133 -19.95 20.95 4.42
C GLY A 133 -18.62 20.89 3.69
N LEU A 134 -18.28 19.73 3.18
CA LEU A 134 -17.05 19.57 2.46
C LEU A 134 -16.97 20.51 1.25
N LYS A 135 -15.92 21.32 1.15
CA LYS A 135 -15.77 22.16 -0.04
C LYS A 135 -14.38 21.98 -0.62
N LEU A 136 -14.31 21.62 -1.90
CA LEU A 136 -13.02 21.38 -2.55
C LEU A 136 -12.24 22.64 -2.87
N ILE A 137 -10.93 22.59 -2.66
CA ILE A 137 -10.07 23.73 -2.96
C ILE A 137 -10.11 24.07 -4.44
N SER A 138 -10.17 23.08 -5.32
CA SER A 138 -10.24 23.39 -6.74
C SER A 138 -11.57 24.11 -6.99
N GLU A 139 -12.60 23.79 -6.22
CA GLU A 139 -13.91 24.47 -6.39
C GLU A 139 -13.76 25.91 -5.95
N VAL A 140 -13.10 26.12 -4.81
CA VAL A 140 -12.92 27.46 -4.30
C VAL A 140 -12.22 28.34 -5.29
N ILE A 141 -11.17 27.82 -5.93
CA ILE A 141 -10.38 28.53 -6.92
C ILE A 141 -11.16 28.80 -8.19
N GLY A 142 -11.80 27.78 -8.74
CA GLY A 142 -12.56 27.91 -9.96
C GLY A 142 -13.68 28.94 -9.86
N GLU A 143 -14.34 28.97 -8.70
CA GLU A 143 -15.42 29.91 -8.47
C GLU A 143 -14.92 31.35 -8.30
N ARG A 144 -13.84 31.57 -7.58
CA ARG A 144 -13.37 32.94 -7.40
C ARG A 144 -12.75 33.54 -8.66
N LEU A 145 -12.08 32.70 -9.45
CA LEU A 145 -11.45 33.20 -10.65
C LEU A 145 -12.28 33.00 -11.89
N GLY A 146 -13.32 32.18 -11.82
CA GLY A 146 -14.14 31.96 -12.99
C GLY A 146 -13.51 31.11 -14.08
N ILE A 147 -12.67 30.14 -13.69
CA ILE A 147 -12.05 29.26 -14.68
C ILE A 147 -12.32 27.80 -14.42
N PRO A 148 -12.35 26.99 -15.49
CA PRO A 148 -12.58 25.53 -15.55
C PRO A 148 -11.43 24.88 -14.77
N MSE A 149 -11.71 23.83 -13.99
CA MSE A 149 -10.66 23.21 -13.18
C MSE A 149 -10.39 21.73 -13.34
O MSE A 149 -11.30 20.90 -13.56
CB MSE A 149 -10.91 23.45 -11.68
CG MSE A 149 -10.85 24.90 -11.17
SE MSE A 149 -9.14 25.81 -11.34
CE MSE A 149 -8.17 25.16 -9.78
N SER A 150 -9.11 21.38 -13.20
CA SER A 150 -8.65 20.00 -13.25
C SER A 150 -7.77 19.80 -12.03
N VAL A 151 -7.37 18.55 -11.78
CA VAL A 151 -6.50 18.31 -10.65
C VAL A 151 -5.49 17.24 -11.03
N LEU A 152 -4.34 17.28 -10.35
CA LEU A 152 -3.29 16.31 -10.58
C LEU A 152 -3.01 15.81 -9.18
N MSE A 153 -3.14 14.50 -8.99
CA MSE A 153 -2.94 13.89 -7.66
C MSE A 153 -2.29 12.53 -7.83
O MSE A 153 -2.79 11.69 -8.58
CB MSE A 153 -4.30 13.66 -7.00
CG MSE A 153 -5.19 14.90 -6.82
SE MSE A 153 -4.48 16.09 -5.44
CE MSE A 153 -5.13 17.77 -6.20
N GLY A 154 -1.20 12.28 -7.11
CA GLY A 154 -0.61 10.98 -7.23
C GLY A 154 0.50 10.68 -6.26
N ALA A 155 1.03 9.47 -6.34
CA ALA A 155 2.11 9.06 -5.45
C ALA A 155 3.32 9.79 -5.97
N ASN A 156 3.50 11.01 -5.46
CA ASN A 156 4.57 11.85 -5.96
C ASN A 156 5.51 12.52 -4.93
N ILE A 157 6.28 11.76 -4.14
CA ILE A 157 7.19 12.46 -3.24
C ILE A 157 8.09 13.28 -4.17
N ALA A 158 8.13 14.59 -3.94
CA ALA A 158 8.88 15.52 -4.79
C ALA A 158 10.36 15.18 -5.04
N SER A 159 11.07 14.85 -3.98
CA SER A 159 12.49 14.55 -4.08
C SER A 159 12.75 13.42 -5.05
N GLU A 160 11.83 12.45 -5.13
CA GLU A 160 12.00 11.30 -6.01
C GLU A 160 11.61 11.73 -7.42
N VAL A 161 10.63 12.62 -7.52
CA VAL A 161 10.22 13.08 -8.84
C VAL A 161 11.36 13.92 -9.37
N ALA A 162 11.87 14.83 -8.56
CA ALA A 162 12.99 15.64 -9.01
C ALA A 162 14.17 14.75 -9.49
N ASP A 163 14.32 13.56 -8.91
CA ASP A 163 15.41 12.64 -9.30
C ASP A 163 15.03 11.80 -10.53
N GLU A 164 13.82 11.99 -11.06
CA GLU A 164 13.38 11.24 -12.22
C GLU A 164 13.22 9.72 -12.03
N LYS A 165 12.92 9.31 -10.80
CA LYS A 165 12.64 7.91 -10.52
C LYS A 165 11.22 7.70 -10.99
N PHE A 166 11.00 6.65 -11.74
CA PHE A 166 9.69 6.31 -12.29
C PHE A 166 8.53 6.36 -11.27
N CYS A 167 7.48 7.10 -11.60
CA CYS A 167 6.28 7.14 -10.77
C CYS A 167 5.16 7.47 -11.73
N GLU A 168 3.94 7.57 -11.21
CA GLU A 168 2.77 7.83 -12.02
C GLU A 168 1.99 8.89 -11.31
N THR A 169 0.95 9.38 -11.97
CA THR A 169 0.09 10.34 -11.33
C THR A 169 -1.23 10.28 -12.02
N THR A 170 -2.25 10.89 -11.40
CA THR A 170 -3.59 10.88 -11.94
C THR A 170 -4.07 12.27 -12.25
N ILE A 171 -4.60 12.49 -13.43
CA ILE A 171 -5.12 13.82 -13.71
C ILE A 171 -6.62 13.66 -13.75
N GLY A 172 -7.31 14.52 -12.99
CA GLY A 172 -8.76 14.49 -12.92
C GLY A 172 -9.25 15.64 -13.77
N CYS A 173 -9.85 15.33 -14.91
CA CYS A 173 -10.30 16.41 -15.77
C CYS A 173 -11.56 16.00 -16.48
N LYS A 174 -12.62 16.82 -16.36
CA LYS A 174 -13.88 16.52 -17.03
C LYS A 174 -13.84 16.65 -18.55
N ASP A 175 -13.18 17.67 -19.08
CA ASP A 175 -13.13 17.81 -20.55
C ASP A 175 -12.06 16.92 -21.18
N PRO A 176 -12.43 16.09 -22.17
CA PRO A 176 -11.44 15.22 -22.82
C PRO A 176 -10.25 15.90 -23.51
N ALA A 177 -10.49 16.93 -24.32
CA ALA A 177 -9.35 17.57 -24.96
C ALA A 177 -8.45 18.30 -23.94
N GLN A 178 -9.05 18.93 -22.94
CA GLN A 178 -8.23 19.61 -21.92
C GLN A 178 -7.35 18.58 -21.18
N GLY A 179 -7.95 17.44 -20.86
CA GLY A 179 -7.21 16.40 -20.18
C GLY A 179 -6.01 15.91 -20.99
N GLN A 180 -6.16 15.74 -22.31
CA GLN A 180 -5.05 15.29 -23.14
C GLN A 180 -3.96 16.38 -23.19
N LEU A 181 -4.39 17.63 -23.26
CA LEU A 181 -3.46 18.77 -23.31
C LEU A 181 -2.65 18.81 -22.00
N LEU A 182 -3.34 18.61 -20.87
CA LEU A 182 -2.67 18.62 -19.57
C LEU A 182 -1.72 17.41 -19.49
N LYS A 183 -2.13 16.26 -20.03
CA LYS A 183 -1.25 15.11 -20.06
C LYS A 183 0.02 15.42 -20.90
N GLU A 184 -0.15 16.06 -22.06
CA GLU A 184 1.03 16.40 -22.89
C GLU A 184 1.93 17.37 -22.16
N LEU A 185 1.33 18.26 -21.40
CA LEU A 185 2.13 19.22 -20.67
C LEU A 185 2.90 18.58 -19.51
N MSE A 186 2.30 17.60 -18.84
CA MSE A 186 2.96 17.02 -17.65
C MSE A 186 3.63 15.68 -17.75
O MSE A 186 4.49 15.36 -16.93
CB MSE A 186 1.99 16.92 -16.50
CG MSE A 186 1.17 18.15 -16.35
SE MSE A 186 1.74 19.21 -15.08
CE MSE A 186 0.03 19.63 -14.77
N GLN A 187 3.22 14.87 -18.72
CA GLN A 187 3.83 13.57 -18.83
C GLN A 187 5.31 13.62 -19.24
N THR A 188 6.04 12.66 -18.71
CA THR A 188 7.46 12.51 -18.92
C THR A 188 7.71 10.99 -19.00
N PRO A 189 8.85 10.53 -19.59
CA PRO A 189 9.08 9.07 -19.62
C PRO A 189 9.10 8.48 -18.19
N ASN A 190 9.21 9.36 -17.19
CA ASN A 190 9.28 8.89 -15.81
C ASN A 190 8.20 9.41 -14.89
N PHE A 191 7.18 10.01 -15.46
CA PHE A 191 6.10 10.58 -14.69
C PHE A 191 4.94 10.30 -15.62
N ARG A 192 4.35 9.13 -15.43
CA ARG A 192 3.25 8.65 -16.28
C ARG A 192 1.92 9.11 -15.75
N ILE A 193 1.07 9.58 -16.65
CA ILE A 193 -0.21 10.11 -16.31
C ILE A 193 -1.40 9.32 -16.81
N THR A 194 -2.38 9.12 -15.94
CA THR A 194 -3.62 8.47 -16.34
C THR A 194 -4.65 9.57 -16.13
N VAL A 195 -5.39 9.94 -17.18
CA VAL A 195 -6.43 10.97 -17.10
C VAL A 195 -7.78 10.28 -16.83
N VAL A 196 -8.52 10.77 -15.83
CA VAL A 196 -9.84 10.22 -15.54
C VAL A 196 -10.77 11.42 -15.44
N GLN A 197 -12.07 11.18 -15.61
CA GLN A 197 -13.01 12.28 -15.53
C GLN A 197 -13.59 12.54 -14.15
N GLU A 198 -13.43 11.63 -13.20
CA GLU A 198 -14.03 11.81 -11.86
C GLU A 198 -13.22 12.74 -10.94
N VAL A 199 -13.18 14.02 -11.34
CA VAL A 199 -12.43 15.09 -10.65
C VAL A 199 -12.52 15.19 -9.13
N ASP A 200 -13.73 15.24 -8.60
CA ASP A 200 -13.90 15.39 -7.16
C ASP A 200 -13.28 14.23 -6.38
N THR A 201 -13.50 13.00 -6.85
CA THR A 201 -12.94 11.83 -6.16
C THR A 201 -11.41 11.79 -6.21
N VAL A 202 -10.84 12.21 -7.32
CA VAL A 202 -9.38 12.23 -7.44
C VAL A 202 -8.83 13.21 -6.40
N GLU A 203 -9.45 14.39 -6.34
CA GLU A 203 -9.06 15.46 -5.42
C GLU A 203 -9.26 15.16 -3.93
N ILE A 204 -10.38 14.55 -3.57
CA ILE A 204 -10.64 14.23 -2.17
C ILE A 204 -9.64 13.18 -1.71
N CYS A 205 -9.21 12.33 -2.65
CA CYS A 205 -8.23 11.28 -2.36
C CYS A 205 -6.97 11.92 -1.84
N GLY A 206 -6.53 12.96 -2.54
CA GLY A 206 -5.29 13.66 -2.17
C GLY A 206 -5.37 14.34 -0.81
N ALA A 207 -6.56 14.83 -0.50
CA ALA A 207 -6.73 15.48 0.78
C ALA A 207 -6.73 14.44 1.91
N LEU A 208 -7.58 13.41 1.84
CA LEU A 208 -7.65 12.44 2.96
C LEU A 208 -6.43 11.55 3.16
N LYS A 209 -5.70 11.23 2.10
CA LYS A 209 -4.56 10.37 2.27
C LYS A 209 -3.60 10.96 3.29
N ASN A 210 -3.57 12.28 3.45
CA ASN A 210 -2.66 12.88 4.44
C ASN A 210 -3.09 12.65 5.90
N VAL A 211 -4.39 12.44 6.13
CA VAL A 211 -4.88 12.19 7.48
C VAL A 211 -4.37 10.79 7.89
N VAL A 212 -4.50 9.83 6.97
CA VAL A 212 -4.08 8.48 7.23
C VAL A 212 -2.56 8.50 7.46
N ALA A 213 -1.84 9.25 6.63
CA ALA A 213 -0.38 9.31 6.78
C ALA A 213 0.06 9.77 8.18
N VAL A 214 -0.66 10.72 8.78
CA VAL A 214 -0.31 11.17 10.13
C VAL A 214 -0.47 9.96 11.08
N GLY A 215 -1.52 9.16 10.83
CA GLY A 215 -1.76 7.99 11.64
C GLY A 215 -0.63 6.98 11.51
N ALA A 216 -0.12 6.84 10.29
CA ALA A 216 0.98 5.92 9.98
C ALA A 216 2.22 6.34 10.75
N GLY A 217 2.54 7.63 10.71
CA GLY A 217 3.70 8.13 11.43
C GLY A 217 3.55 7.95 12.93
N PHE A 218 2.32 8.07 13.46
CA PHE A 218 2.11 7.88 14.90
C PHE A 218 2.53 6.46 15.22
N CYS A 219 2.07 5.52 14.40
CA CYS A 219 2.41 4.15 14.63
C CYS A 219 3.91 3.91 14.48
N ASP A 220 4.58 4.60 13.56
CA ASP A 220 6.02 4.41 13.43
C ASP A 220 6.66 4.95 14.72
N GLY A 221 6.17 6.10 15.20
CA GLY A 221 6.72 6.74 16.40
C GLY A 221 6.43 5.96 17.67
N LEU A 222 5.50 5.02 17.58
CA LEU A 222 5.16 4.14 18.70
C LEU A 222 6.01 2.86 18.59
N GLY A 223 6.81 2.75 17.53
CA GLY A 223 7.62 1.57 17.38
C GLY A 223 7.09 0.45 16.47
N PHE A 224 5.98 0.63 15.77
CA PHE A 224 5.48 -0.45 14.91
C PHE A 224 6.14 -0.58 13.54
N GLY A 225 5.89 -1.73 12.90
CA GLY A 225 6.48 -1.95 11.60
C GLY A 225 5.51 -1.99 10.43
N ASP A 226 5.82 -2.85 9.46
CA ASP A 226 5.06 -2.96 8.21
C ASP A 226 3.67 -3.57 8.27
N ASN A 227 3.47 -4.58 9.11
CA ASN A 227 2.14 -5.19 9.21
C ASN A 227 1.11 -4.15 9.72
N THR A 228 1.56 -3.32 10.62
CA THR A 228 0.74 -2.29 11.24
C THR A 228 0.55 -1.13 10.24
N LYS A 229 1.60 -0.76 9.54
CA LYS A 229 1.42 0.32 8.57
C LYS A 229 0.48 -0.14 7.47
N ALA A 230 0.56 -1.42 7.12
CA ALA A 230 -0.26 -1.90 6.05
C ALA A 230 -1.70 -1.82 6.51
N ALA A 231 -1.95 -2.17 7.77
CA ALA A 231 -3.31 -2.13 8.33
C ALA A 231 -3.85 -0.69 8.40
N VAL A 232 -2.99 0.26 8.75
CA VAL A 232 -3.38 1.69 8.83
C VAL A 232 -3.80 2.16 7.44
N ILE A 233 -3.01 1.77 6.43
CA ILE A 233 -3.30 2.10 5.04
C ILE A 233 -4.64 1.46 4.63
N ARG A 234 -4.81 0.18 4.99
CA ARG A 234 -6.04 -0.56 4.63
C ARG A 234 -7.31 0.08 5.26
N LEU A 235 -7.25 0.34 6.57
CA LEU A 235 -8.39 0.92 7.28
C LEU A 235 -8.56 2.37 6.86
N GLY A 236 -7.44 3.03 6.55
CA GLY A 236 -7.53 4.41 6.11
C GLY A 236 -8.25 4.47 4.76
N LEU A 237 -7.88 3.56 3.86
CA LEU A 237 -8.50 3.53 2.54
C LEU A 237 -10.01 3.32 2.68
N MSE A 238 -10.40 2.41 3.55
CA MSE A 238 -11.81 2.09 3.82
C MSE A 238 -12.58 3.32 4.30
O MSE A 238 -13.71 3.56 3.87
CB MSE A 238 -11.91 1.01 4.89
CG MSE A 238 -13.33 0.60 5.21
SE MSE A 238 -13.51 -0.53 6.79
CE MSE A 238 -12.29 -2.03 6.36
N GLU A 239 -11.96 4.10 5.18
CA GLU A 239 -12.63 5.32 5.67
C GLU A 239 -12.66 6.39 4.54
N MSE A 240 -11.63 6.37 3.70
CA MSE A 240 -11.56 7.30 2.56
C MSE A 240 -12.66 7.03 1.56
O MSE A 240 -13.30 7.97 1.09
CB MSE A 240 -10.24 7.15 1.83
CG MSE A 240 -9.10 7.84 2.57
SE MSE A 240 -7.38 7.45 1.78
CE MSE A 240 -7.55 8.53 0.15
N ILE A 241 -12.88 5.77 1.19
CA ILE A 241 -13.93 5.45 0.25
C ILE A 241 -15.30 5.81 0.82
N ALA A 242 -15.55 5.43 2.09
CA ALA A 242 -16.85 5.72 2.72
C ALA A 242 -17.06 7.21 2.91
N PHE A 243 -16.02 7.90 3.38
CA PHE A 243 -16.16 9.34 3.58
C PHE A 243 -16.52 10.02 2.27
N ALA A 244 -15.91 9.58 1.16
CA ALA A 244 -16.18 10.24 -0.12
C ALA A 244 -17.58 9.93 -0.63
N LYS A 245 -18.03 8.69 -0.46
CA LYS A 245 -19.39 8.38 -0.94
C LYS A 245 -20.41 9.13 -0.10
N LEU A 246 -20.12 9.30 1.20
CA LEU A 246 -21.05 9.99 2.08
C LEU A 246 -21.17 11.48 1.88
N PHE A 247 -20.04 12.18 1.81
CA PHE A 247 -20.03 13.62 1.70
C PHE A 247 -19.68 14.32 0.38
N CYS A 248 -19.23 13.58 -0.62
CA CYS A 248 -18.91 14.17 -1.90
C CYS A 248 -20.20 14.35 -2.68
N SER A 249 -20.27 15.41 -3.46
CA SER A 249 -21.45 15.65 -4.31
C SER A 249 -21.31 14.64 -5.46
N GLY A 250 -22.32 14.54 -6.32
CA GLY A 250 -22.20 13.63 -7.44
C GLY A 250 -21.62 12.25 -7.18
N PRO A 251 -21.56 11.42 -8.24
CA PRO A 251 -21.04 10.04 -8.25
C PRO A 251 -19.59 9.81 -7.78
N VAL A 252 -19.43 8.86 -6.84
CA VAL A 252 -18.13 8.45 -6.31
C VAL A 252 -18.00 6.94 -6.44
N SER A 253 -16.95 6.49 -7.13
CA SER A 253 -16.76 5.05 -7.30
C SER A 253 -15.48 4.53 -6.74
N SER A 254 -15.60 3.39 -6.07
CA SER A 254 -14.50 2.66 -5.46
C SER A 254 -13.35 2.56 -6.45
N ALA A 255 -13.67 2.21 -7.68
CA ALA A 255 -12.68 2.09 -8.74
C ALA A 255 -11.69 3.27 -8.78
N THR A 256 -12.19 4.49 -8.64
CA THR A 256 -11.29 5.64 -8.70
C THR A 256 -10.16 5.54 -7.70
N PHE A 257 -10.42 4.85 -6.58
CA PHE A 257 -9.41 4.73 -5.51
C PHE A 257 -8.23 3.81 -5.81
N LEU A 258 -8.32 3.11 -6.95
CA LEU A 258 -7.25 2.23 -7.41
C LEU A 258 -6.28 2.98 -8.36
N GLU A 259 -6.58 4.25 -8.64
CA GLU A 259 -5.71 5.09 -9.47
C GLU A 259 -4.58 5.55 -8.55
N SER A 260 -3.57 6.22 -9.11
CA SER A 260 -2.42 6.67 -8.33
C SER A 260 -2.86 7.55 -7.16
N CYS A 261 -3.90 8.34 -7.38
CA CYS A 261 -4.38 9.27 -6.35
C CYS A 261 -4.87 8.59 -5.10
N GLY A 262 -5.30 7.34 -5.23
CA GLY A 262 -5.84 6.62 -4.09
C GLY A 262 -4.83 5.74 -3.38
N VAL A 263 -4.87 4.46 -3.68
CA VAL A 263 -3.99 3.51 -3.07
C VAL A 263 -2.51 3.79 -3.15
N ALA A 264 -2.01 4.22 -4.32
CA ALA A 264 -0.57 4.47 -4.41
C ALA A 264 -0.14 5.70 -3.59
N ASP A 265 -0.86 6.82 -3.75
CA ASP A 265 -0.45 8.02 -3.00
C ASP A 265 -0.51 7.76 -1.48
N LEU A 266 -1.45 6.91 -1.08
CA LEU A 266 -1.59 6.59 0.33
C LEU A 266 -0.33 5.82 0.83
N ILE A 267 0.18 4.89 0.02
CA ILE A 267 1.36 4.10 0.37
C ILE A 267 2.63 4.95 0.42
N THR A 268 2.84 5.74 -0.62
CA THR A 268 4.02 6.51 -0.69
C THR A 268 4.03 7.60 0.38
N THR A 269 2.86 8.16 0.70
CA THR A 269 2.85 9.16 1.74
C THR A 269 3.05 8.50 3.10
N CYS A 270 2.31 7.45 3.41
CA CYS A 270 2.51 6.78 4.70
C CYS A 270 3.94 6.26 4.87
N TYR A 271 4.65 5.94 3.78
CA TYR A 271 6.03 5.46 3.89
C TYR A 271 7.11 6.57 3.77
N GLY A 272 6.87 7.61 2.98
CA GLY A 272 7.92 8.61 2.87
C GLY A 272 7.48 10.05 2.81
N GLY A 273 6.24 10.32 3.22
CA GLY A 273 5.74 11.68 3.18
C GLY A 273 6.13 12.55 4.34
N ARG A 274 5.98 13.86 4.19
CA ARG A 274 6.31 14.79 5.28
C ARG A 274 5.30 14.60 6.44
N ASN A 275 4.02 14.39 6.10
CA ASN A 275 3.02 14.16 7.11
C ASN A 275 3.42 12.94 7.99
N ARG A 276 3.99 11.88 7.40
CA ARG A 276 4.41 10.69 8.19
C ARG A 276 5.59 11.08 9.09
N LYS A 277 6.61 11.68 8.49
CA LYS A 277 7.81 12.11 9.22
C LYS A 277 7.47 13.02 10.42
N VAL A 278 6.71 14.08 10.20
CA VAL A 278 6.33 14.98 11.29
C VAL A 278 5.48 14.26 12.34
N ALA A 279 4.52 13.44 11.89
CA ALA A 279 3.69 12.67 12.84
C ALA A 279 4.58 11.78 13.71
N GLU A 280 5.53 11.08 13.10
CA GLU A 280 6.40 10.21 13.87
C GLU A 280 7.18 11.07 14.86
N ALA A 281 7.71 12.21 14.43
CA ALA A 281 8.45 13.05 15.38
C ALA A 281 7.51 13.55 16.50
N PHE A 282 6.27 13.83 16.18
CA PHE A 282 5.33 14.28 17.20
C PHE A 282 5.18 13.19 18.26
N ALA A 283 4.87 11.97 17.82
CA ALA A 283 4.66 10.84 18.72
C ALA A 283 5.83 10.54 19.68
N ARG A 284 7.03 10.65 19.15
CA ARG A 284 8.29 10.38 19.85
C ARG A 284 8.85 11.50 20.77
N THR A 285 8.88 12.74 20.28
CA THR A 285 9.47 13.88 21.00
C THR A 285 8.59 14.72 21.89
N GLY A 286 7.29 14.72 21.61
CA GLY A 286 6.42 15.56 22.41
C GLY A 286 6.47 17.02 21.96
N LYS A 287 7.24 17.32 20.90
CA LYS A 287 7.26 18.70 20.40
C LYS A 287 5.93 19.02 19.71
N SER A 288 5.42 20.24 19.81
CA SER A 288 4.14 20.59 19.14
C SER A 288 4.17 20.41 17.60
N ILE A 289 2.99 20.31 16.97
CA ILE A 289 2.94 20.16 15.51
C ILE A 289 3.64 21.39 14.92
N GLU A 290 3.22 22.56 15.40
CA GLU A 290 3.77 23.84 14.96
C GLU A 290 5.29 23.94 15.06
N GLN A 291 5.87 23.41 16.15
CA GLN A 291 7.30 23.46 16.34
C GLN A 291 8.03 22.55 15.37
N LEU A 292 7.45 21.38 15.13
CA LEU A 292 8.08 20.45 14.22
C LEU A 292 8.01 21.04 12.81
N GLU A 293 6.91 21.70 12.47
CA GLU A 293 6.82 22.27 11.13
C GLU A 293 7.99 23.23 11.02
N LYS A 294 8.02 24.18 11.97
CA LYS A 294 9.08 25.18 12.03
C LYS A 294 10.46 24.54 11.89
N GLU A 295 10.65 23.34 12.44
CA GLU A 295 11.95 22.67 12.39
C GLU A 295 12.16 21.65 11.29
N LEU A 296 11.16 21.45 10.44
CA LEU A 296 11.28 20.46 9.36
C LEU A 296 10.55 20.91 8.10
N LEU A 297 9.67 21.91 8.23
CA LEU A 297 8.89 22.42 7.09
C LEU A 297 8.86 23.94 6.92
N ASN A 298 9.94 24.62 7.30
CA ASN A 298 10.03 26.08 7.18
C ASN A 298 8.77 26.80 7.54
N GLY A 299 8.15 26.36 8.63
CA GLY A 299 6.90 26.95 9.09
C GLY A 299 5.68 26.61 8.26
N GLN A 300 5.82 25.86 7.17
CA GLN A 300 4.66 25.54 6.34
C GLN A 300 3.66 24.66 7.12
N LYS A 301 2.40 25.06 7.13
CA LYS A 301 1.37 24.30 7.84
C LYS A 301 1.18 22.91 7.20
N LEU A 302 1.30 21.86 8.01
CA LEU A 302 1.13 20.47 7.54
C LEU A 302 -0.35 20.26 7.24
N GLN A 303 -0.68 19.63 6.14
CA GLN A 303 -2.09 19.46 5.78
C GLN A 303 -2.86 18.29 6.42
N GLY A 304 -2.15 17.25 6.84
CA GLY A 304 -2.83 16.13 7.46
C GLY A 304 -3.74 16.56 8.60
N PRO A 305 -3.18 17.26 9.62
CA PRO A 305 -3.93 17.75 10.79
C PRO A 305 -5.04 18.69 10.40
N GLU A 306 -4.72 19.68 9.56
CA GLU A 306 -5.70 20.68 9.09
C GLU A 306 -6.92 19.99 8.48
N THR A 307 -6.69 19.04 7.57
CA THR A 307 -7.79 18.30 6.93
C THR A 307 -8.57 17.51 7.98
N ALA A 308 -7.85 16.86 8.90
CA ALA A 308 -8.51 16.09 9.95
C ALA A 308 -9.44 17.05 10.71
N ARG A 309 -8.97 18.26 10.94
CA ARG A 309 -9.79 19.22 11.69
C ARG A 309 -11.06 19.57 10.92
N GLU A 310 -10.95 19.64 9.59
CA GLU A 310 -12.13 19.94 8.80
C GLU A 310 -13.10 18.75 8.83
N LEU A 311 -12.54 17.54 8.76
CA LEU A 311 -13.38 16.35 8.72
C LEU A 311 -14.12 16.24 10.04
N TYR A 312 -13.44 16.60 11.12
CA TYR A 312 -14.05 16.56 12.47
C TYR A 312 -15.17 17.60 12.52
N SER A 313 -14.94 18.74 11.90
CA SER A 313 -15.99 19.76 11.90
C SER A 313 -17.22 19.22 11.25
N ILE A 314 -17.05 18.58 10.09
CA ILE A 314 -18.19 18.00 9.37
C ILE A 314 -18.89 16.85 10.14
N LEU A 315 -18.12 15.93 10.73
CA LEU A 315 -18.73 14.83 11.46
C LEU A 315 -19.31 15.20 12.83
N GLN A 316 -18.62 16.05 13.60
CA GLN A 316 -19.12 16.42 14.94
C GLN A 316 -20.46 17.16 14.84
N HIS A 317 -20.62 17.99 13.83
CA HIS A 317 -21.88 18.70 13.66
C HIS A 317 -23.02 17.69 13.41
N LYS A 318 -22.72 16.55 12.80
CA LYS A 318 -23.74 15.52 12.56
C LYS A 318 -23.71 14.38 13.60
N GLY A 319 -22.79 14.48 14.57
CA GLY A 319 -22.67 13.48 15.61
C GLY A 319 -22.24 12.15 15.05
N LEU A 320 -21.41 12.20 14.00
CA LEU A 320 -20.88 11.03 13.29
C LEU A 320 -19.40 10.79 13.58
N VAL A 321 -18.92 11.31 14.69
CA VAL A 321 -17.51 11.18 15.07
C VAL A 321 -16.99 9.74 15.23
N ASP A 322 -17.84 8.84 15.75
CA ASP A 322 -17.42 7.45 15.92
C ASP A 322 -17.47 6.76 14.59
N LYS A 323 -18.12 7.36 13.60
CA LYS A 323 -18.17 6.69 12.31
C LYS A 323 -16.82 6.55 11.58
N PHE A 324 -15.88 7.47 11.83
CA PHE A 324 -14.57 7.43 11.19
C PHE A 324 -13.52 7.48 12.28
N PRO A 325 -13.31 6.33 12.97
CA PRO A 325 -12.37 6.07 14.07
C PRO A 325 -10.92 6.47 13.80
N LEU A 326 -10.40 6.09 12.64
CA LEU A 326 -9.01 6.39 12.32
C LEU A 326 -8.84 7.91 12.05
N PHE A 327 -9.76 8.47 11.28
CA PHE A 327 -9.69 9.89 10.96
C PHE A 327 -9.81 10.69 12.28
N MSE A 328 -10.76 10.29 13.12
CA MSE A 328 -10.97 11.01 14.35
C MSE A 328 -9.85 10.77 15.38
O MSE A 328 -9.58 11.65 16.20
CB MSE A 328 -12.35 10.69 14.89
CG MSE A 328 -13.45 11.17 13.93
SE MSE A 328 -13.40 13.11 13.59
CE MSE A 328 -12.23 13.29 12.00
N ALA A 329 -9.20 9.61 15.32
CA ALA A 329 -8.11 9.39 16.24
C ALA A 329 -7.00 10.39 15.86
N VAL A 330 -6.79 10.59 14.55
CA VAL A 330 -5.78 11.55 14.09
C VAL A 330 -6.14 12.95 14.61
N TYR A 331 -7.40 13.32 14.46
CA TYR A 331 -7.83 14.63 14.96
C TYR A 331 -7.66 14.80 16.48
N LYS A 332 -8.16 13.82 17.27
CA LYS A 332 -8.08 13.87 18.72
C LYS A 332 -6.66 13.98 19.24
N VAL A 333 -5.70 13.34 18.57
CA VAL A 333 -4.31 13.42 18.99
C VAL A 333 -3.70 14.75 18.59
N CYS A 334 -4.01 15.19 17.37
CA CYS A 334 -3.46 16.46 16.89
C CYS A 334 -4.01 17.69 17.60
N TYR A 335 -5.28 17.67 17.99
CA TYR A 335 -5.91 18.83 18.62
C TYR A 335 -6.59 18.66 19.98
N GLU A 336 -6.92 17.44 20.39
CA GLU A 336 -7.61 17.28 21.67
C GLU A 336 -6.76 16.68 22.77
N GLY A 337 -5.43 16.71 22.61
CA GLY A 337 -4.53 16.17 23.62
C GLY A 337 -4.55 14.66 23.80
N GLN A 338 -5.25 13.90 22.94
CA GLN A 338 -5.26 12.45 23.14
C GLN A 338 -3.84 11.90 23.01
N PRO A 339 -3.39 11.13 24.03
CA PRO A 339 -2.03 10.57 23.98
C PRO A 339 -1.85 9.68 22.73
N VAL A 340 -0.70 9.80 22.09
CA VAL A 340 -0.50 9.03 20.88
C VAL A 340 -0.54 7.54 21.18
N GLY A 341 -0.14 7.17 22.40
CA GLY A 341 -0.16 5.79 22.82
C GLY A 341 -1.57 5.18 22.85
N GLU A 342 -2.60 5.95 22.52
CA GLU A 342 -3.93 5.38 22.51
C GLU A 342 -4.34 5.13 21.07
N PHE A 343 -3.42 5.35 20.13
CA PHE A 343 -3.79 5.19 18.71
C PHE A 343 -4.25 3.80 18.28
N ILE A 344 -3.48 2.78 18.68
CA ILE A 344 -3.78 1.40 18.32
C ILE A 344 -5.23 1.02 18.62
N HIS A 345 -5.85 1.62 19.63
CA HIS A 345 -7.25 1.30 19.93
C HIS A 345 -8.20 1.57 18.79
N CYS A 346 -7.96 2.63 18.03
CA CYS A 346 -8.85 2.94 16.92
C CYS A 346 -8.71 1.88 15.82
N LEU A 347 -7.61 1.13 15.85
CA LEU A 347 -7.47 0.09 14.86
C LEU A 347 -8.08 -1.22 15.40
N GLN A 348 -7.81 -1.54 16.68
CA GLN A 348 -8.34 -2.77 17.28
C GLN A 348 -9.85 -2.81 17.28
N ASN A 349 -10.51 -1.67 17.27
CA ASN A 349 -11.97 -1.74 17.27
C ASN A 349 -12.60 -1.32 15.96
N HIS A 350 -11.76 -1.09 14.96
CA HIS A 350 -12.27 -0.65 13.69
C HIS A 350 -13.40 -1.51 13.07
N PRO A 351 -14.43 -0.89 12.47
CA PRO A 351 -15.51 -1.68 11.85
C PRO A 351 -14.86 -2.52 10.71
N GLU A 352 -15.38 -3.71 10.44
CA GLU A 352 -14.84 -4.59 9.40
C GLU A 352 -15.20 -4.20 7.96
N HIS A 353 -16.24 -3.38 7.81
CA HIS A 353 -16.65 -2.91 6.49
C HIS A 353 -17.39 -1.59 6.74
N MSE A 354 -17.48 -0.74 5.72
CA MSE A 354 -18.18 0.54 5.88
C MSE A 354 -18.92 0.83 4.56
O MSE A 354 -19.93 1.55 4.58
OXT MSE A 354 -18.46 0.34 3.51
CB MSE A 354 -17.18 1.67 6.22
CG MSE A 354 -16.54 1.57 7.64
SE MSE A 354 -15.31 2.81 7.99
CE MSE A 354 -16.12 4.13 7.53
N MSE B 6 -19.57 -33.46 23.50
CA MSE B 6 -19.09 -32.52 24.51
C MSE B 6 -17.58 -32.27 24.53
O MSE B 6 -17.12 -31.41 25.27
CB MSE B 6 -19.63 -32.96 25.88
CG MSE B 6 -21.19 -33.00 25.94
SE MSE B 6 -21.87 -33.71 27.45
CE MSE B 6 -21.51 -32.48 28.58
N ALA B 7 -16.79 -32.98 23.72
CA ALA B 7 -15.33 -32.76 23.69
C ALA B 7 -14.95 -31.43 23.03
N SER B 8 -13.86 -30.83 23.52
CA SER B 8 -13.36 -29.58 22.95
C SER B 8 -12.72 -29.98 21.64
N LYS B 9 -12.54 -29.02 20.74
CA LYS B 9 -11.91 -29.32 19.46
C LYS B 9 -10.40 -29.47 19.62
N LYS B 10 -9.83 -30.50 19.02
CA LYS B 10 -8.37 -30.70 19.08
C LYS B 10 -7.74 -30.05 17.84
N VAL B 11 -6.59 -29.39 18.02
CA VAL B 11 -5.97 -28.68 16.91
C VAL B 11 -4.59 -29.15 16.52
N CYS B 12 -4.36 -29.37 15.23
CA CYS B 12 -3.04 -29.79 14.81
C CYS B 12 -2.50 -28.74 13.88
N ILE B 13 -1.27 -28.30 14.11
CA ILE B 13 -0.64 -27.32 13.24
C ILE B 13 0.32 -28.13 12.37
N VAL B 14 0.01 -28.22 11.08
CA VAL B 14 0.87 -29.00 10.18
C VAL B 14 1.94 -28.08 9.60
N GLY B 15 3.06 -27.98 10.28
CA GLY B 15 4.14 -27.12 9.79
C GLY B 15 4.76 -26.47 11.00
N SER B 16 6.01 -26.07 10.91
CA SER B 16 6.67 -25.46 12.05
C SER B 16 7.77 -24.49 11.63
N GLY B 17 7.59 -23.87 10.47
CA GLY B 17 8.58 -22.92 10.03
C GLY B 17 8.40 -21.58 10.75
N ASN B 18 8.79 -20.54 10.04
CA ASN B 18 8.71 -19.19 10.53
C ASN B 18 7.25 -18.77 10.78
N TRP B 19 6.36 -19.07 9.85
CA TRP B 19 4.95 -18.72 9.98
C TRP B 19 4.21 -19.75 10.86
N GLY B 20 4.54 -21.04 10.67
CA GLY B 20 3.88 -22.06 11.47
C GLY B 20 4.13 -21.81 12.94
N SER B 21 5.36 -21.40 13.27
CA SER B 21 5.78 -21.14 14.65
C SER B 21 5.07 -19.93 15.20
N ALA B 22 4.98 -18.86 14.41
CA ALA B 22 4.30 -17.67 14.93
C ALA B 22 2.86 -18.11 15.24
N ILE B 23 2.25 -18.83 14.31
CA ILE B 23 0.88 -19.34 14.47
C ILE B 23 0.72 -20.25 15.72
N ALA B 24 1.68 -21.16 15.95
CA ALA B 24 1.64 -22.06 17.13
C ALA B 24 1.50 -21.21 18.41
N LYS B 25 2.25 -20.10 18.42
CA LYS B 25 2.27 -19.16 19.54
C LYS B 25 0.89 -18.57 19.82
N ILE B 26 0.19 -18.23 18.76
CA ILE B 26 -1.16 -17.65 18.85
C ILE B 26 -2.20 -18.72 19.21
N VAL B 27 -2.19 -19.82 18.45
CA VAL B 27 -3.10 -20.93 18.65
C VAL B 27 -2.85 -21.57 20.02
N GLY B 28 -1.60 -21.77 20.38
CA GLY B 28 -1.32 -22.35 21.68
C GLY B 28 -1.91 -21.54 22.84
N GLY B 29 -1.68 -20.22 22.81
CA GLY B 29 -2.20 -19.34 23.84
C GLY B 29 -3.73 -19.35 23.86
N ASN B 30 -4.40 -19.31 22.69
CA ASN B 30 -5.89 -19.30 22.67
C ASN B 30 -6.53 -20.65 23.05
N ALA B 31 -5.91 -21.75 22.62
CA ALA B 31 -6.43 -23.07 22.96
C ALA B 31 -6.45 -23.20 24.50
N ALA B 32 -5.38 -22.74 25.14
CA ALA B 32 -5.26 -22.80 26.59
C ALA B 32 -6.25 -21.86 27.28
N GLN B 33 -6.54 -20.70 26.64
CA GLN B 33 -7.49 -19.71 27.17
C GLN B 33 -8.96 -19.98 26.90
N LEU B 34 -9.26 -20.70 25.83
CA LEU B 34 -10.67 -20.94 25.46
C LEU B 34 -11.12 -22.34 25.68
N ALA B 35 -12.22 -22.50 26.40
CA ALA B 35 -12.77 -23.82 26.70
C ALA B 35 -13.13 -24.66 25.48
N GLN B 36 -13.61 -24.06 24.39
CA GLN B 36 -14.04 -24.88 23.24
C GLN B 36 -12.89 -25.59 22.52
N PHE B 37 -11.65 -25.25 22.88
CA PHE B 37 -10.49 -25.88 22.26
C PHE B 37 -9.62 -26.60 23.30
N ASP B 38 -9.27 -27.85 22.98
CA ASP B 38 -8.42 -28.64 23.83
C ASP B 38 -7.10 -27.89 23.94
N PRO B 39 -6.60 -27.72 25.17
CA PRO B 39 -5.35 -27.03 25.48
C PRO B 39 -4.18 -27.68 24.75
N ARG B 40 -4.20 -29.00 24.58
CA ARG B 40 -3.09 -29.68 23.88
C ARG B 40 -3.08 -29.38 22.39
N VAL B 41 -2.06 -28.69 21.92
CA VAL B 41 -1.97 -28.36 20.50
C VAL B 41 -0.77 -29.11 19.90
N THR B 42 -1.03 -29.94 18.89
CA THR B 42 0.10 -30.65 18.31
C THR B 42 0.63 -29.85 17.18
N MSE B 43 1.92 -30.04 16.93
CA MSE B 43 2.56 -29.37 15.84
C MSE B 43 3.48 -30.37 15.17
O MSE B 43 4.37 -30.91 15.79
CB MSE B 43 3.34 -28.13 16.32
CG MSE B 43 3.93 -27.32 15.16
SE MSE B 43 4.96 -25.76 15.78
CE MSE B 43 6.22 -26.60 17.00
N TRP B 44 3.20 -30.65 13.89
CA TRP B 44 4.05 -31.54 13.11
C TRP B 44 5.34 -30.82 12.78
N VAL B 45 6.46 -31.36 13.24
CA VAL B 45 7.76 -30.77 12.99
C VAL B 45 8.61 -31.74 12.16
N PHE B 46 8.97 -31.38 10.92
CA PHE B 46 9.83 -32.23 10.10
C PHE B 46 11.13 -32.33 10.90
N GLU B 47 11.39 -33.52 11.44
CA GLU B 47 12.55 -33.74 12.28
C GLU B 47 13.88 -33.29 11.70
N GLU B 48 14.68 -32.62 12.53
CA GLU B 48 16.00 -32.13 12.15
C GLU B 48 17.02 -32.45 13.21
N ASP B 49 18.29 -32.50 12.78
CA ASP B 49 19.38 -32.78 13.69
C ASP B 49 20.02 -31.42 14.03
N ILE B 50 20.10 -31.08 15.31
CA ILE B 50 20.66 -29.79 15.68
C ILE B 50 21.73 -29.92 16.76
N GLY B 51 22.97 -30.14 16.32
CA GLY B 51 24.04 -30.30 17.27
C GLY B 51 23.87 -31.61 18.00
N GLY B 52 23.45 -32.65 17.27
CA GLY B 52 23.26 -33.93 17.90
C GLY B 52 21.96 -34.09 18.66
N LYS B 53 21.18 -33.00 18.78
CA LYS B 53 19.86 -33.07 19.43
C LYS B 53 18.78 -33.05 18.35
N LYS B 54 17.67 -33.75 18.61
CA LYS B 54 16.55 -33.77 17.68
C LYS B 54 15.72 -32.49 17.86
N LEU B 55 15.41 -31.79 16.77
CA LEU B 55 14.65 -30.54 16.88
C LEU B 55 13.38 -30.71 17.75
N THR B 56 12.54 -31.68 17.42
CA THR B 56 11.34 -31.87 18.22
C THR B 56 11.63 -31.98 19.72
N GLU B 57 12.79 -32.55 20.10
CA GLU B 57 13.13 -32.70 21.53
C GLU B 57 13.52 -31.37 22.18
N ILE B 58 14.20 -30.52 21.40
CA ILE B 58 14.58 -29.20 21.87
C ILE B 58 13.30 -28.38 22.08
N ILE B 59 12.42 -28.37 21.06
CA ILE B 59 11.15 -27.66 21.15
C ILE B 59 10.34 -28.07 22.38
N ASN B 60 10.16 -29.37 22.59
CA ASN B 60 9.40 -29.78 23.75
C ASN B 60 10.13 -29.66 25.07
N THR B 61 11.40 -29.30 25.00
CA THR B 61 12.21 -29.15 26.22
C THR B 61 12.47 -27.68 26.52
N GLN B 62 12.85 -26.93 25.49
CA GLN B 62 13.17 -25.52 25.61
C GLN B 62 11.94 -24.68 25.32
N HIS B 63 10.98 -25.29 24.66
CA HIS B 63 9.76 -24.62 24.28
C HIS B 63 10.08 -23.43 23.38
N GLU B 64 10.94 -23.67 22.39
CA GLU B 64 11.29 -22.66 21.44
C GLU B 64 11.77 -23.33 20.15
N ASN B 65 11.62 -22.63 19.03
CA ASN B 65 12.05 -23.11 17.72
C ASN B 65 12.89 -21.93 17.19
N VAL B 66 13.92 -21.58 17.93
CA VAL B 66 14.75 -20.45 17.56
C VAL B 66 15.29 -20.47 16.12
N LYS B 67 15.53 -21.66 15.57
CA LYS B 67 16.02 -21.75 14.19
C LYS B 67 15.06 -21.10 13.20
N TYR B 68 13.75 -21.24 13.42
CA TYR B 68 12.73 -20.67 12.53
C TYR B 68 11.96 -19.50 13.13
N LEU B 69 12.07 -19.35 14.45
CA LEU B 69 11.39 -18.25 15.12
C LEU B 69 12.26 -17.81 16.28
N PRO B 70 13.31 -17.04 15.99
CA PRO B 70 14.27 -16.51 16.96
C PRO B 70 13.70 -15.57 17.99
N GLY B 71 14.19 -15.72 19.21
CA GLY B 71 13.80 -14.83 20.29
C GLY B 71 12.44 -14.99 20.91
N HIS B 72 11.75 -16.07 20.61
CA HIS B 72 10.43 -16.27 21.20
C HIS B 72 10.27 -17.69 21.72
N LYS B 73 9.45 -17.86 22.74
CA LYS B 73 9.16 -19.17 23.31
C LYS B 73 7.86 -19.54 22.64
N LEU B 74 7.47 -20.80 22.77
CA LEU B 74 6.19 -21.27 22.24
C LEU B 74 5.48 -21.63 23.55
N PRO B 75 4.14 -21.53 23.60
CA PRO B 75 3.45 -21.86 24.84
C PRO B 75 3.76 -23.32 25.17
N PRO B 76 3.82 -23.67 26.46
CA PRO B 76 4.12 -25.06 26.87
C PRO B 76 3.17 -26.14 26.38
N ASN B 77 1.92 -25.79 26.04
CA ASN B 77 0.92 -26.77 25.57
C ASN B 77 1.06 -27.19 24.10
N VAL B 78 2.01 -26.60 23.39
CA VAL B 78 2.24 -26.95 21.99
C VAL B 78 3.31 -28.04 22.03
N VAL B 79 2.96 -29.19 21.46
CA VAL B 79 3.82 -30.35 21.47
C VAL B 79 4.30 -30.63 20.07
N ALA B 80 5.62 -30.67 19.90
CA ALA B 80 6.22 -30.96 18.61
C ALA B 80 6.17 -32.47 18.45
N VAL B 81 5.55 -32.91 17.35
CA VAL B 81 5.40 -34.34 17.00
C VAL B 81 6.06 -34.52 15.62
N PRO B 82 7.11 -35.37 15.51
CA PRO B 82 7.83 -35.63 14.24
C PRO B 82 7.12 -36.38 13.13
N ASP B 83 6.15 -37.22 13.48
CA ASP B 83 5.39 -38.01 12.49
C ASP B 83 4.06 -37.31 12.20
N VAL B 84 3.84 -36.91 10.95
CA VAL B 84 2.61 -36.19 10.65
C VAL B 84 1.31 -36.93 10.99
N VAL B 85 1.25 -38.23 10.71
CA VAL B 85 0.05 -39.01 11.00
C VAL B 85 -0.25 -38.91 12.48
N GLN B 86 0.78 -39.05 13.32
CA GLN B 86 0.61 -38.98 14.75
C GLN B 86 0.22 -37.57 15.23
N ALA B 87 0.67 -36.56 14.50
CA ALA B 87 0.34 -35.22 14.90
C ALA B 87 -1.08 -34.86 14.56
N ALA B 88 -1.54 -35.33 13.42
CA ALA B 88 -2.87 -34.95 12.92
C ALA B 88 -4.07 -35.83 13.25
N GLU B 89 -3.79 -37.08 13.58
CA GLU B 89 -4.77 -38.12 13.89
C GLU B 89 -6.01 -37.84 14.72
N ASP B 90 -5.84 -37.17 15.85
CA ASP B 90 -6.97 -36.89 16.72
C ASP B 90 -7.53 -35.50 16.53
N ALA B 91 -6.91 -34.74 15.63
CA ALA B 91 -7.32 -33.38 15.40
C ALA B 91 -8.69 -33.24 14.74
N ASP B 92 -9.43 -32.21 15.14
CA ASP B 92 -10.72 -31.87 14.58
C ASP B 92 -10.46 -30.70 13.64
N ILE B 93 -9.35 -30.03 13.88
CA ILE B 93 -9.00 -28.88 13.07
C ILE B 93 -7.55 -28.99 12.67
N LEU B 94 -7.28 -28.92 11.36
CA LEU B 94 -5.91 -29.00 10.86
C LEU B 94 -5.51 -27.67 10.23
N ILE B 95 -4.39 -27.11 10.67
CA ILE B 95 -3.91 -25.82 10.16
C ILE B 95 -2.72 -26.11 9.23
N PHE B 96 -2.93 -26.04 7.92
CA PHE B 96 -1.85 -26.33 6.96
C PHE B 96 -0.91 -25.17 6.71
N VAL B 97 0.29 -25.26 7.28
CA VAL B 97 1.24 -24.16 7.13
C VAL B 97 2.68 -24.67 6.98
N VAL B 98 2.87 -25.44 5.89
CA VAL B 98 4.14 -26.07 5.48
C VAL B 98 4.49 -25.51 4.14
N PRO B 99 5.77 -25.61 3.75
CA PRO B 99 6.16 -25.07 2.44
C PRO B 99 5.46 -25.83 1.34
N HIS B 100 5.19 -25.16 0.24
CA HIS B 100 4.47 -25.77 -0.88
C HIS B 100 5.02 -27.13 -1.35
N GLN B 101 6.34 -27.29 -1.32
CA GLN B 101 6.94 -28.55 -1.78
C GLN B 101 6.64 -29.80 -0.90
N PHE B 102 6.17 -29.59 0.34
CA PHE B 102 5.87 -30.69 1.27
C PHE B 102 4.41 -31.15 1.27
N ILE B 103 3.53 -30.31 0.74
CA ILE B 103 2.12 -30.60 0.79
C ILE B 103 1.74 -31.91 0.14
N GLY B 104 2.27 -32.17 -1.05
CA GLY B 104 1.94 -33.41 -1.75
C GLY B 104 2.16 -34.67 -0.94
N LYS B 105 3.34 -34.81 -0.33
CA LYS B 105 3.64 -35.98 0.48
C LYS B 105 2.90 -36.07 1.79
N ILE B 106 2.70 -34.92 2.44
CA ILE B 106 1.98 -34.90 3.69
C ILE B 106 0.57 -35.39 3.42
N CYS B 107 -0.08 -34.86 2.40
CA CYS B 107 -1.48 -35.30 2.16
C CYS B 107 -1.44 -36.66 1.67
N ASP B 108 -0.54 -36.84 0.89
CA ASP B 108 -0.62 -38.15 0.41
C ASP B 108 -0.06 -39.16 1.49
N GLN B 109 0.20 -38.68 2.96
CA GLN B 109 0.60 -39.47 4.23
C GLN B 109 -0.48 -39.63 5.27
N LEU B 110 -1.35 -38.70 5.19
CA LEU B 110 -2.54 -38.46 6.01
C LEU B 110 -3.81 -39.02 5.40
N LYS B 111 -3.87 -39.09 4.08
CA LYS B 111 -5.09 -39.58 3.44
C LYS B 111 -5.62 -40.81 4.14
N GLY B 112 -6.89 -40.78 4.54
CA GLY B 112 -7.47 -41.92 5.22
C GLY B 112 -7.17 -42.09 6.70
N HIS B 113 -6.32 -41.22 7.26
CA HIS B 113 -5.97 -41.32 8.68
C HIS B 113 -6.45 -40.14 9.54
N LEU B 114 -7.42 -39.38 9.04
CA LEU B 114 -7.93 -38.24 9.78
C LEU B 114 -9.24 -38.56 10.47
N LYS B 115 -9.56 -37.74 11.45
CA LYS B 115 -10.78 -37.88 12.22
C LYS B 115 -11.98 -37.67 11.29
N ALA B 116 -13.07 -38.37 11.56
CA ALA B 116 -14.27 -38.31 10.73
C ALA B 116 -14.73 -36.95 10.24
N ASN B 117 -14.82 -35.98 11.13
CA ASN B 117 -15.28 -34.70 10.65
C ASN B 117 -14.22 -33.63 10.74
N ALA B 118 -12.96 -34.06 10.60
CA ALA B 118 -11.80 -33.18 10.63
C ALA B 118 -12.09 -32.03 9.69
N THR B 119 -11.53 -30.88 10.02
CA THR B 119 -11.78 -29.71 9.23
C THR B 119 -10.43 -29.13 8.85
N GLY B 120 -10.36 -28.41 7.73
CA GLY B 120 -9.08 -27.85 7.35
C GLY B 120 -9.02 -26.37 7.01
N ILE B 121 -7.88 -25.75 7.28
CA ILE B 121 -7.66 -24.34 6.90
C ILE B 121 -6.24 -24.22 6.39
N SER B 122 -6.07 -23.65 5.19
CA SER B 122 -4.72 -23.50 4.63
C SER B 122 -4.15 -22.08 4.69
N LEU B 123 -2.88 -21.96 5.10
CA LEU B 123 -2.18 -20.67 5.20
C LEU B 123 -1.06 -20.52 4.16
N ILE B 124 -0.98 -21.47 3.22
CA ILE B 124 0.07 -21.52 2.19
C ILE B 124 -0.25 -20.56 1.05
N LYS B 125 0.72 -19.71 0.70
CA LYS B 125 0.57 -18.74 -0.39
C LYS B 125 1.29 -19.23 -1.65
N GLY B 126 0.49 -19.66 -2.61
CA GLY B 126 1.04 -20.18 -3.83
C GLY B 126 -0.17 -20.76 -4.51
N VAL B 127 0.06 -21.33 -5.68
CA VAL B 127 -0.99 -21.93 -6.49
C VAL B 127 -0.38 -23.19 -7.08
N ASP B 128 -1.23 -24.01 -7.66
CA ASP B 128 -0.86 -25.23 -8.35
C ASP B 128 -1.48 -25.07 -9.72
N GLU B 129 -1.16 -26.00 -10.62
CA GLU B 129 -1.74 -25.94 -11.95
C GLU B 129 -2.24 -27.34 -12.30
N GLY B 130 -2.47 -27.58 -13.59
CA GLY B 130 -2.94 -28.87 -14.03
C GLY B 130 -3.96 -28.70 -15.13
N PRO B 131 -4.22 -29.75 -15.92
CA PRO B 131 -5.22 -29.62 -17.00
C PRO B 131 -6.42 -28.85 -16.44
N ASN B 132 -6.91 -27.90 -17.23
CA ASN B 132 -8.00 -26.99 -16.85
C ASN B 132 -7.33 -25.66 -16.50
N GLY B 133 -6.07 -25.72 -16.03
CA GLY B 133 -5.32 -24.51 -15.71
C GLY B 133 -4.90 -24.30 -14.27
N LEU B 134 -5.43 -23.23 -13.68
CA LEU B 134 -5.14 -22.88 -12.29
C LEU B 134 -5.80 -23.86 -11.28
N LYS B 135 -5.02 -24.38 -10.34
CA LYS B 135 -5.55 -25.25 -9.27
C LYS B 135 -5.16 -24.75 -7.89
N LEU B 136 -6.14 -24.39 -7.07
CA LEU B 136 -5.89 -23.90 -5.72
C LEU B 136 -5.32 -24.97 -4.82
N ILE B 137 -4.29 -24.60 -4.06
CA ILE B 137 -3.65 -25.52 -3.10
C ILE B 137 -4.66 -26.01 -2.06
N SER B 138 -5.58 -25.16 -1.60
CA SER B 138 -6.58 -25.57 -0.62
C SER B 138 -7.51 -26.65 -1.21
N GLU B 139 -7.79 -26.53 -2.50
CA GLU B 139 -8.65 -27.55 -3.11
C GLU B 139 -7.90 -28.87 -3.27
N VAL B 140 -6.60 -28.80 -3.48
CA VAL B 140 -5.80 -30.00 -3.64
C VAL B 140 -5.75 -30.74 -2.32
N ILE B 141 -5.56 -29.99 -1.23
CA ILE B 141 -5.51 -30.59 0.11
C ILE B 141 -6.90 -31.13 0.45
N GLY B 142 -7.91 -30.28 0.26
CA GLY B 142 -9.28 -30.67 0.58
C GLY B 142 -9.73 -31.96 -0.12
N GLU B 143 -9.36 -32.08 -1.40
CA GLU B 143 -9.72 -33.24 -2.23
C GLU B 143 -9.01 -34.50 -1.89
N ARG B 144 -7.80 -34.78 -1.46
CA ARG B 144 -6.87 -35.87 -1.24
C ARG B 144 -7.01 -36.43 0.16
N LEU B 145 -7.59 -35.20 0.94
CA LEU B 145 -7.88 -35.59 2.29
C LEU B 145 -9.36 -35.74 2.55
N GLY B 146 -10.17 -35.24 1.64
CA GLY B 146 -11.61 -35.35 1.81
C GLY B 146 -12.15 -34.49 2.96
N ILE B 147 -11.65 -33.26 3.12
CA ILE B 147 -12.13 -32.40 4.20
C ILE B 147 -12.49 -31.01 3.69
N PRO B 148 -13.39 -30.32 4.42
CA PRO B 148 -13.86 -28.95 4.10
C PRO B 148 -12.66 -28.03 4.32
N MSE B 149 -12.45 -27.04 3.45
CA MSE B 149 -11.29 -26.16 3.62
C MSE B 149 -11.56 -24.68 3.69
O MSE B 149 -12.47 -24.16 3.02
CB MSE B 149 -10.28 -26.37 2.48
CG MSE B 149 -9.73 -27.76 2.38
SE MSE B 149 -8.44 -28.14 3.74
CE MSE B 149 -6.99 -26.85 3.29
N SER B 150 -10.77 -24.01 4.52
CA SER B 150 -10.84 -22.55 4.65
C SER B 150 -9.40 -22.03 4.38
N VAL B 151 -9.22 -20.71 4.28
CA VAL B 151 -7.89 -20.15 4.11
C VAL B 151 -7.71 -18.98 5.06
N LEU B 152 -6.47 -18.65 5.35
CA LEU B 152 -6.14 -17.53 6.24
C LEU B 152 -5.01 -16.84 5.44
N MSE B 153 -5.23 -15.58 5.09
CA MSE B 153 -4.28 -14.79 4.30
C MSE B 153 -4.38 -13.33 4.69
O MSE B 153 -5.46 -12.76 4.65
CB MSE B 153 -4.65 -14.87 2.82
CG MSE B 153 -5.00 -16.26 2.32
SE MSE B 153 -3.37 -17.04 1.80
CE MSE B 153 -3.84 -18.94 1.93
N GLY B 154 -3.24 -12.72 5.02
CA GLY B 154 -3.22 -11.31 5.39
C GLY B 154 -1.80 -10.77 5.47
N ALA B 155 -1.67 -9.47 5.72
CA ALA B 155 -0.35 -8.83 5.84
C ALA B 155 0.19 -9.34 7.17
N ASN B 156 0.93 -10.43 7.10
CA ASN B 156 1.40 -11.05 8.34
C ASN B 156 2.86 -11.43 8.37
N ILE B 157 3.77 -10.47 8.20
CA ILE B 157 5.18 -10.85 8.31
C ILE B 157 5.32 -11.56 9.68
N ALA B 158 5.79 -12.80 9.67
CA ALA B 158 5.93 -13.59 10.90
C ALA B 158 6.63 -12.97 12.08
N SER B 159 7.75 -12.30 11.85
CA SER B 159 8.49 -11.74 12.98
C SER B 159 7.75 -10.65 13.74
N GLU B 160 6.85 -9.93 13.05
CA GLU B 160 6.12 -8.86 13.70
C GLU B 160 4.94 -9.46 14.45
N VAL B 161 4.33 -10.50 13.85
CA VAL B 161 3.21 -11.19 14.51
C VAL B 161 3.77 -11.79 15.79
N ALA B 162 4.94 -12.40 15.73
CA ALA B 162 5.54 -12.97 16.93
C ALA B 162 5.78 -11.87 17.99
N ASP B 163 6.03 -10.64 17.55
CA ASP B 163 6.23 -9.58 18.55
C ASP B 163 4.89 -8.97 19.02
N GLU B 164 3.78 -9.48 18.52
CA GLU B 164 2.51 -8.94 18.96
C GLU B 164 2.19 -7.53 18.46
N LYS B 165 2.88 -7.09 17.41
CA LYS B 165 2.59 -5.79 16.83
C LYS B 165 1.26 -5.91 16.10
N PHE B 166 0.36 -4.96 16.35
CA PHE B 166 -0.98 -4.97 15.73
C PHE B 166 -1.00 -5.31 14.27
N CYS B 167 -1.90 -6.19 13.88
CA CYS B 167 -1.99 -6.48 12.47
C CYS B 167 -3.31 -7.20 12.28
N GLU B 168 -3.67 -7.42 11.01
CA GLU B 168 -4.92 -8.09 10.67
C GLU B 168 -4.69 -9.28 9.74
N THR B 169 -5.74 -10.05 9.50
CA THR B 169 -5.66 -11.12 8.55
C THR B 169 -7.05 -11.37 8.09
N THR B 170 -7.15 -12.11 6.98
CA THR B 170 -8.45 -12.43 6.40
C THR B 170 -8.64 -13.96 6.37
N ILE B 171 -9.81 -14.41 6.85
CA ILE B 171 -10.08 -15.84 6.78
C ILE B 171 -11.13 -16.02 5.72
N GLY B 172 -10.88 -16.92 4.78
CA GLY B 172 -11.84 -17.19 3.74
C GLY B 172 -12.52 -18.48 4.19
N CYS B 173 -13.85 -18.46 4.24
CA CYS B 173 -14.57 -19.66 4.70
C CYS B 173 -16.02 -19.57 4.27
N LYS B 174 -16.48 -20.60 3.57
CA LYS B 174 -17.85 -20.69 3.06
C LYS B 174 -18.90 -20.97 4.13
N ASP B 175 -18.50 -21.63 5.23
CA ASP B 175 -19.40 -21.98 6.32
C ASP B 175 -19.26 -20.97 7.46
N PRO B 176 -20.32 -20.21 7.75
CA PRO B 176 -20.27 -19.21 8.82
C PRO B 176 -19.87 -19.69 10.20
N ALA B 177 -20.41 -20.82 10.63
CA ALA B 177 -20.08 -21.34 11.96
C ALA B 177 -18.63 -21.79 11.98
N GLN B 178 -18.20 -22.45 10.90
CA GLN B 178 -16.81 -22.88 10.84
C GLN B 178 -15.97 -21.61 10.92
N GLY B 179 -16.33 -20.65 10.06
CA GLY B 179 -15.63 -19.37 10.00
C GLY B 179 -15.54 -18.71 11.35
N GLN B 180 -16.64 -18.68 12.11
CA GLN B 180 -16.61 -18.08 13.44
C GLN B 180 -15.71 -18.89 14.38
N LEU B 181 -15.75 -20.22 14.27
CA LEU B 181 -14.90 -21.06 15.12
C LEU B 181 -13.42 -20.76 14.82
N LEU B 182 -13.06 -20.67 13.53
CA LEU B 182 -11.66 -20.39 13.17
C LEU B 182 -11.25 -19.01 13.67
N LYS B 183 -12.18 -18.07 13.67
CA LYS B 183 -11.85 -16.72 14.16
C LYS B 183 -11.58 -16.79 15.67
N GLU B 184 -12.43 -17.52 16.39
CA GLU B 184 -12.24 -17.66 17.82
C GLU B 184 -10.92 -18.36 18.07
N LEU B 185 -10.57 -19.30 17.19
CA LEU B 185 -9.32 -20.01 17.37
C LEU B 185 -8.08 -19.15 17.16
N MSE B 186 -8.12 -18.26 16.17
CA MSE B 186 -6.95 -17.49 15.83
C MSE B 186 -6.83 -16.02 16.16
O MSE B 186 -5.72 -15.51 16.23
CB MSE B 186 -6.65 -17.75 14.36
CG MSE B 186 -6.33 -19.27 14.17
SE MSE B 186 -6.23 -19.87 12.53
CE MSE B 186 -4.55 -19.64 12.64
N GLN B 187 -7.93 -15.35 16.46
CA GLN B 187 -7.89 -13.93 16.80
C GLN B 187 -7.36 -13.60 18.18
N THR B 188 -6.64 -12.47 18.29
CA THR B 188 -6.11 -12.02 19.58
C THR B 188 -6.27 -10.51 19.57
N PRO B 189 -5.92 -9.82 20.66
CA PRO B 189 -6.10 -8.36 20.59
C PRO B 189 -5.22 -7.70 19.54
N ASN B 190 -4.18 -8.39 19.10
CA ASN B 190 -3.30 -7.79 18.08
C ASN B 190 -3.18 -8.55 16.76
N PHE B 191 -4.12 -9.46 16.51
CA PHE B 191 -4.16 -10.26 15.30
C PHE B 191 -5.66 -10.28 15.08
N ARG B 192 -6.15 -9.29 14.33
CA ARG B 192 -7.57 -9.14 14.09
C ARG B 192 -7.98 -9.85 12.85
N ILE B 193 -9.12 -10.54 12.92
CA ILE B 193 -9.59 -11.30 11.81
C ILE B 193 -10.93 -10.86 11.26
N THR B 194 -11.02 -10.86 9.94
CA THR B 194 -12.28 -10.53 9.27
C THR B 194 -12.55 -11.79 8.48
N VAL B 195 -13.74 -12.38 8.66
CA VAL B 195 -14.09 -13.58 7.92
C VAL B 195 -14.90 -13.19 6.72
N VAL B 196 -14.53 -13.74 5.55
CA VAL B 196 -15.27 -13.50 4.31
C VAL B 196 -15.55 -14.87 3.68
N GLN B 197 -16.57 -14.91 2.81
CA GLN B 197 -16.95 -16.16 2.19
C GLN B 197 -16.30 -16.47 0.88
N GLU B 198 -15.71 -15.46 0.23
CA GLU B 198 -15.06 -15.67 -1.07
C GLU B 198 -13.68 -16.29 -0.98
N VAL B 199 -13.63 -17.52 -0.49
CA VAL B 199 -12.38 -18.28 -0.32
C VAL B 199 -11.33 -18.22 -1.47
N ASP B 200 -11.76 -18.58 -2.69
CA ASP B 200 -10.86 -18.60 -3.86
C ASP B 200 -10.12 -17.25 -4.10
N THR B 201 -10.81 -16.12 -4.00
CA THR B 201 -10.16 -14.82 -4.21
C THR B 201 -9.17 -14.56 -3.06
N VAL B 202 -9.57 -14.84 -1.82
CA VAL B 202 -8.66 -14.62 -0.69
C VAL B 202 -7.38 -15.43 -0.94
N GLU B 203 -7.56 -16.69 -1.36
CA GLU B 203 -6.42 -17.55 -1.59
C GLU B 203 -5.57 -17.08 -2.77
N ILE B 204 -6.20 -16.72 -3.89
CA ILE B 204 -5.40 -16.27 -5.02
C ILE B 204 -4.63 -14.99 -4.67
N CYS B 205 -5.22 -14.13 -3.84
CA CYS B 205 -4.52 -12.91 -3.42
C CYS B 205 -3.19 -13.27 -2.78
N GLY B 206 -3.20 -14.21 -1.85
CA GLY B 206 -1.97 -14.60 -1.20
C GLY B 206 -0.95 -15.12 -2.20
N ALA B 207 -1.41 -15.87 -3.19
CA ALA B 207 -0.46 -16.42 -4.16
C ALA B 207 0.18 -15.32 -4.99
N LEU B 208 -0.65 -14.48 -5.59
CA LEU B 208 -0.21 -13.45 -6.49
C LEU B 208 0.61 -12.31 -5.86
N LYS B 209 0.28 -11.93 -4.64
CA LYS B 209 1.00 -10.82 -4.04
C LYS B 209 2.52 -11.04 -4.02
N ASN B 210 2.95 -12.31 -4.00
CA ASN B 210 4.38 -12.62 -3.99
C ASN B 210 5.06 -12.36 -5.32
N VAL B 211 4.32 -12.47 -6.41
CA VAL B 211 4.90 -12.21 -7.73
C VAL B 211 5.19 -10.68 -7.75
N VAL B 212 4.20 -9.88 -7.37
CA VAL B 212 4.37 -8.42 -7.36
C VAL B 212 5.51 -8.03 -6.40
N ALA B 213 5.64 -8.74 -5.29
CA ALA B 213 6.69 -8.42 -4.32
C ALA B 213 8.05 -8.69 -4.91
N VAL B 214 8.17 -9.72 -5.76
CA VAL B 214 9.44 -9.99 -6.43
C VAL B 214 9.80 -8.76 -7.29
N GLY B 215 8.86 -8.27 -8.09
CA GLY B 215 9.16 -7.09 -8.90
C GLY B 215 9.49 -5.80 -8.11
N ALA B 216 8.98 -5.68 -6.90
CA ALA B 216 9.25 -4.49 -6.10
C ALA B 216 10.67 -4.58 -5.56
N GLY B 217 11.11 -5.81 -5.29
CA GLY B 217 12.48 -6.07 -4.84
C GLY B 217 13.42 -5.72 -6.00
N PHE B 218 13.04 -6.02 -7.23
CA PHE B 218 13.89 -5.66 -8.36
C PHE B 218 14.12 -4.15 -8.33
N CYS B 219 13.04 -3.37 -8.36
CA CYS B 219 13.19 -1.93 -8.37
C CYS B 219 14.00 -1.44 -7.16
N ASP B 220 13.88 -2.12 -6.03
CA ASP B 220 14.64 -1.71 -4.85
C ASP B 220 16.10 -1.91 -5.22
N GLY B 221 16.41 -3.07 -5.79
CA GLY B 221 17.79 -3.36 -6.17
C GLY B 221 18.35 -2.46 -7.25
N LEU B 222 17.47 -1.87 -8.06
CA LEU B 222 17.89 -0.96 -9.13
C LEU B 222 18.08 0.47 -8.56
N GLY B 223 17.73 0.65 -7.29
CA GLY B 223 17.88 1.95 -6.66
C GLY B 223 16.65 2.83 -6.55
N PHE B 224 15.45 2.32 -6.89
CA PHE B 224 14.27 3.15 -6.80
C PHE B 224 13.70 3.22 -5.40
N GLY B 225 12.83 4.21 -5.18
CA GLY B 225 12.23 4.41 -3.87
C GLY B 225 10.74 4.10 -3.72
N ASP B 226 10.05 4.96 -2.96
CA ASP B 226 8.64 4.72 -2.64
C ASP B 226 7.63 5.05 -3.70
N ASN B 227 7.91 6.06 -4.52
CA ASN B 227 6.99 6.42 -5.59
C ASN B 227 6.93 5.25 -6.56
N THR B 228 8.08 4.65 -6.80
CA THR B 228 8.15 3.52 -7.72
C THR B 228 7.50 2.30 -7.12
N LYS B 229 7.85 2.02 -5.88
CA LYS B 229 7.27 0.85 -5.24
C LYS B 229 5.75 1.00 -5.18
N ALA B 230 5.27 2.20 -4.89
CA ALA B 230 3.82 2.38 -4.79
C ALA B 230 3.17 2.13 -6.14
N ALA B 231 3.92 2.35 -7.23
CA ALA B 231 3.36 2.13 -8.58
C ALA B 231 3.38 0.65 -8.91
N VAL B 232 4.39 -0.05 -8.43
CA VAL B 232 4.50 -1.51 -8.70
C VAL B 232 3.30 -2.14 -8.01
N ILE B 233 3.05 -1.74 -6.77
CA ILE B 233 1.92 -2.28 -6.02
C ILE B 233 0.60 -2.00 -6.72
N ARG B 234 0.43 -0.77 -7.19
CA ARG B 234 -0.84 -0.40 -7.84
C ARG B 234 -1.10 -1.20 -9.12
N LEU B 235 -0.09 -1.26 -9.99
CA LEU B 235 -0.23 -1.96 -11.28
C LEU B 235 -0.28 -3.43 -10.96
N GLY B 236 0.37 -3.80 -9.87
CA GLY B 236 0.36 -5.20 -9.52
C GLY B 236 -1.02 -5.56 -9.03
N LEU B 237 -1.68 -4.64 -8.32
CA LEU B 237 -3.03 -4.88 -7.80
C LEU B 237 -3.97 -4.96 -9.01
N MSE B 238 -3.83 -4.06 -9.97
CA MSE B 238 -4.68 -4.15 -11.17
C MSE B 238 -4.59 -5.51 -11.90
O MSE B 238 -5.59 -6.07 -12.35
CB MSE B 238 -4.29 -3.05 -12.15
CG MSE B 238 -5.04 -3.05 -13.46
SE MSE B 238 -4.23 -1.74 -14.70
CE MSE B 238 -4.02 -0.19 -13.49
N GLU B 239 -3.38 -6.03 -12.05
CA GLU B 239 -3.19 -7.30 -12.75
C GLU B 239 -3.78 -8.44 -11.88
N MSE B 240 -3.60 -8.32 -10.57
CA MSE B 240 -4.17 -9.33 -9.66
C MSE B 240 -5.70 -9.39 -9.75
O MSE B 240 -6.29 -10.48 -9.75
CB MSE B 240 -3.81 -9.03 -8.21
CG MSE B 240 -2.38 -9.35 -7.91
SE MSE B 240 -1.97 -8.68 -6.17
CE MSE B 240 -3.32 -9.57 -5.04
N ILE B 241 -6.35 -8.24 -9.82
CA ILE B 241 -7.82 -8.28 -9.91
C ILE B 241 -8.23 -8.81 -11.28
N ALA B 242 -7.55 -8.33 -12.33
CA ALA B 242 -7.88 -8.80 -13.67
C ALA B 242 -7.67 -10.30 -13.80
N PHE B 243 -6.57 -10.80 -13.24
CA PHE B 243 -6.31 -12.22 -13.36
C PHE B 243 -7.29 -13.07 -12.63
N ALA B 244 -7.70 -12.63 -11.43
CA ALA B 244 -8.64 -13.41 -10.63
C ALA B 244 -10.01 -13.50 -11.29
N LYS B 245 -10.49 -12.40 -11.87
CA LYS B 245 -11.79 -12.40 -12.54
C LYS B 245 -11.86 -13.39 -13.71
N LEU B 246 -10.73 -13.54 -14.41
CA LEU B 246 -10.64 -14.45 -15.54
C LEU B 246 -10.53 -15.89 -15.10
N PHE B 247 -9.65 -16.15 -14.16
CA PHE B 247 -9.39 -17.53 -13.75
C PHE B 247 -10.05 -18.07 -12.49
N CYS B 248 -10.58 -17.23 -11.63
CA CYS B 248 -11.26 -17.81 -10.48
C CYS B 248 -12.69 -18.21 -10.83
N SER B 249 -13.07 -19.42 -10.46
CA SER B 249 -14.43 -19.85 -10.75
C SER B 249 -15.34 -19.19 -9.72
N GLY B 250 -16.54 -18.81 -10.18
CA GLY B 250 -17.51 -18.17 -9.30
C GLY B 250 -17.33 -16.67 -9.23
N PRO B 251 -18.16 -15.98 -8.44
CA PRO B 251 -18.14 -14.52 -8.24
C PRO B 251 -16.81 -13.99 -7.65
N VAL B 252 -16.27 -12.97 -8.31
CA VAL B 252 -15.03 -12.32 -7.89
C VAL B 252 -15.24 -10.82 -7.86
N SER B 253 -15.12 -10.22 -6.68
CA SER B 253 -15.30 -8.77 -6.59
C SER B 253 -14.07 -7.99 -6.12
N SER B 254 -13.88 -6.83 -6.74
CA SER B 254 -12.79 -5.93 -6.41
C SER B 254 -12.71 -5.74 -4.91
N ALA B 255 -13.88 -5.58 -4.29
CA ALA B 255 -14.00 -5.34 -2.85
C ALA B 255 -13.17 -6.28 -2.00
N THR B 256 -13.10 -7.55 -2.40
CA THR B 256 -12.30 -8.53 -1.66
C THR B 256 -10.81 -8.17 -1.65
N PHE B 257 -10.37 -7.35 -2.60
CA PHE B 257 -8.96 -7.01 -2.65
C PHE B 257 -8.63 -5.87 -1.69
N LEU B 258 -9.65 -5.37 -1.01
CA LEU B 258 -9.46 -4.31 -0.04
C LEU B 258 -9.38 -4.89 1.38
N GLU B 259 -9.42 -6.22 1.47
CA GLU B 259 -9.33 -6.95 2.73
C GLU B 259 -7.84 -7.09 2.97
N SER B 260 -7.45 -7.57 4.15
CA SER B 260 -6.04 -7.70 4.43
C SER B 260 -5.31 -8.63 3.40
N CYS B 261 -5.97 -9.71 2.99
CA CYS B 261 -5.37 -10.63 2.03
C CYS B 261 -4.90 -9.94 0.74
N GLY B 262 -5.50 -8.79 0.40
CA GLY B 262 -5.15 -8.10 -0.83
C GLY B 262 -4.24 -6.88 -0.70
N VAL B 263 -4.83 -5.68 -0.76
CA VAL B 263 -4.02 -4.46 -0.66
C VAL B 263 -3.03 -4.49 0.51
N ALA B 264 -3.40 -4.93 1.70
CA ALA B 264 -2.40 -4.89 2.80
C ALA B 264 -1.26 -5.93 2.70
N ASP B 265 -1.57 -7.17 2.35
CA ASP B 265 -0.48 -8.16 2.24
C ASP B 265 0.49 -7.66 1.13
N LEU B 266 -0.06 -7.13 0.03
CA LEU B 266 0.78 -6.55 -1.05
C LEU B 266 1.78 -5.55 -0.47
N ILE B 267 1.27 -4.60 0.31
CA ILE B 267 2.10 -3.58 0.92
C ILE B 267 3.15 -4.13 1.89
N THR B 268 2.75 -5.02 2.78
CA THR B 268 3.71 -5.49 3.78
C THR B 268 4.72 -6.40 3.10
N THR B 269 4.27 -7.19 2.14
CA THR B 269 5.21 -8.08 1.49
C THR B 269 6.19 -7.29 0.62
N CYS B 270 5.73 -6.27 -0.08
CA CYS B 270 6.62 -5.49 -0.95
C CYS B 270 7.59 -4.66 -0.16
N TYR B 271 7.27 -4.41 1.11
CA TYR B 271 8.20 -3.65 1.93
C TYR B 271 9.04 -4.51 2.85
N GLY B 272 8.48 -5.58 3.42
CA GLY B 272 9.31 -6.36 4.34
C GLY B 272 9.37 -7.87 4.22
N GLY B 273 8.87 -8.41 3.11
CA GLY B 273 8.87 -9.85 2.92
C GLY B 273 10.13 -10.47 2.36
N ARG B 274 10.17 -11.79 2.41
CA ARG B 274 11.32 -12.53 1.93
C ARG B 274 11.46 -12.45 0.42
N ASN B 275 10.33 -12.56 -0.30
CA ASN B 275 10.37 -12.50 -1.75
C ASN B 275 11.01 -11.20 -2.23
N ARG B 276 10.76 -10.10 -1.52
CA ARG B 276 11.28 -8.80 -1.90
C ARG B 276 12.79 -8.80 -1.65
N LYS B 277 13.18 -9.31 -0.49
CA LYS B 277 14.59 -9.33 -0.11
C LYS B 277 15.44 -10.12 -1.07
N VAL B 278 14.97 -11.30 -1.46
CA VAL B 278 15.71 -12.11 -2.40
C VAL B 278 15.66 -11.51 -3.78
N ALA B 279 14.55 -10.86 -4.15
CA ALA B 279 14.46 -10.22 -5.49
C ALA B 279 15.49 -9.10 -5.61
N GLU B 280 15.65 -8.35 -4.54
CA GLU B 280 16.61 -7.28 -4.53
C GLU B 280 18.03 -7.84 -4.68
N ALA B 281 18.37 -8.80 -3.82
CA ALA B 281 19.71 -9.38 -3.87
C ALA B 281 19.99 -9.99 -5.24
N PHE B 282 18.95 -10.50 -5.90
CA PHE B 282 19.10 -11.12 -7.24
C PHE B 282 19.44 -10.03 -8.25
N ALA B 283 18.92 -8.85 -8.00
CA ALA B 283 19.11 -7.69 -8.85
C ALA B 283 20.51 -7.14 -8.72
N ARG B 284 21.03 -7.16 -7.50
CA ARG B 284 22.34 -6.64 -7.21
C ARG B 284 23.49 -7.63 -7.27
N THR B 285 23.24 -8.93 -7.26
CA THR B 285 24.37 -9.86 -7.20
C THR B 285 24.71 -10.81 -8.30
N GLY B 286 23.81 -11.05 -9.25
CA GLY B 286 24.16 -12.02 -10.29
C GLY B 286 23.86 -13.47 -9.85
N LYS B 287 23.66 -13.68 -8.54
CA LYS B 287 23.32 -15.03 -8.08
C LYS B 287 21.91 -15.40 -8.53
N SER B 288 21.68 -16.70 -8.76
CA SER B 288 20.38 -17.21 -9.19
C SER B 288 19.40 -17.26 -8.00
N ILE B 289 18.10 -17.30 -8.27
CA ILE B 289 17.09 -17.35 -7.22
C ILE B 289 17.40 -18.53 -6.27
N GLU B 290 17.70 -19.67 -6.88
CA GLU B 290 17.99 -20.90 -6.14
C GLU B 290 19.13 -20.73 -5.14
N GLN B 291 20.24 -20.20 -5.63
CA GLN B 291 21.42 -20.00 -4.79
C GLN B 291 21.15 -18.98 -3.69
N LEU B 292 20.38 -17.93 -4.01
CA LEU B 292 20.09 -16.94 -2.99
C LEU B 292 19.22 -17.57 -1.93
N GLU B 293 18.30 -18.46 -2.33
CA GLU B 293 17.43 -19.11 -1.33
C GLU B 293 18.26 -19.90 -0.33
N LYS B 294 19.26 -20.63 -0.84
CA LYS B 294 20.14 -21.41 0.03
C LYS B 294 20.96 -20.46 0.90
N GLU B 295 21.44 -19.38 0.31
CA GLU B 295 22.24 -18.38 1.03
C GLU B 295 21.50 -17.54 2.04
N LEU B 296 20.28 -17.13 1.73
CA LEU B 296 19.53 -16.25 2.63
C LEU B 296 18.33 -16.86 3.35
N LEU B 297 17.79 -17.93 2.80
CA LEU B 297 16.60 -18.53 3.37
C LEU B 297 16.65 -20.03 3.67
N ASN B 298 17.64 -20.43 4.46
CA ASN B 298 17.80 -21.83 4.84
C ASN B 298 17.56 -22.85 3.72
N GLY B 299 17.60 -22.40 2.46
CA GLY B 299 17.38 -23.31 1.35
C GLY B 299 15.90 -23.51 1.06
N GLN B 300 15.09 -22.58 1.55
CA GLN B 300 13.64 -22.63 1.34
C GLN B 300 13.19 -22.07 -0.02
N LYS B 301 12.26 -22.76 -0.65
CA LYS B 301 11.77 -22.34 -1.96
C LYS B 301 10.83 -21.16 -1.88
N LEU B 302 11.20 -20.08 -2.55
CA LEU B 302 10.39 -18.86 -2.58
C LEU B 302 9.18 -19.14 -3.49
N GLN B 303 8.00 -18.63 -3.16
CA GLN B 303 6.85 -18.91 -4.03
C GLN B 303 6.57 -17.85 -5.09
N GLY B 304 7.13 -16.65 -4.92
CA GLY B 304 6.92 -15.58 -5.88
C GLY B 304 7.29 -16.03 -7.29
N PRO B 305 8.52 -16.52 -7.48
CA PRO B 305 8.99 -16.98 -8.78
C PRO B 305 8.21 -18.17 -9.29
N GLU B 306 8.04 -19.19 -8.45
CA GLU B 306 7.28 -20.38 -8.85
C GLU B 306 5.88 -20.00 -9.32
N THR B 307 5.22 -19.10 -8.62
CA THR B 307 3.87 -18.67 -9.02
C THR B 307 3.94 -17.94 -10.37
N ALA B 308 4.95 -17.09 -10.58
CA ALA B 308 5.05 -16.37 -11.86
C ALA B 308 5.22 -17.41 -13.01
N ARG B 309 5.97 -18.45 -12.72
CA ARG B 309 6.21 -19.52 -13.66
C ARG B 309 4.86 -20.21 -13.99
N GLU B 310 4.11 -20.58 -12.95
CA GLU B 310 2.80 -21.19 -13.16
C GLU B 310 1.84 -20.22 -13.87
N LEU B 311 1.92 -18.91 -13.58
CA LEU B 311 1.06 -17.95 -14.30
C LEU B 311 1.46 -17.93 -15.80
N TYR B 312 2.77 -17.83 -16.06
CA TYR B 312 3.27 -17.87 -17.44
C TYR B 312 2.62 -19.05 -18.18
N SER B 313 2.74 -20.25 -17.63
CA SER B 313 2.13 -21.42 -18.26
C SER B 313 0.63 -21.30 -18.47
N ILE B 314 -0.07 -20.84 -17.44
CA ILE B 314 -1.53 -20.66 -17.46
C ILE B 314 -1.92 -19.61 -18.47
N LEU B 315 -1.17 -18.50 -18.53
CA LEU B 315 -1.47 -17.48 -19.52
C LEU B 315 -1.05 -17.96 -20.93
N GLN B 316 0.03 -18.72 -21.02
CA GLN B 316 0.47 -19.23 -22.33
C GLN B 316 -0.64 -20.07 -22.98
N HIS B 317 -1.26 -21.00 -22.24
CA HIS B 317 -2.32 -21.83 -22.82
C HIS B 317 -3.46 -21.04 -23.41
N LYS B 318 -3.76 -19.87 -22.85
CA LYS B 318 -4.87 -19.08 -23.36
C LYS B 318 -4.41 -17.92 -24.23
N GLY B 319 -3.10 -17.81 -24.43
CA GLY B 319 -2.57 -16.73 -25.26
C GLY B 319 -2.67 -15.34 -24.65
N LEU B 320 -2.69 -15.25 -23.31
CA LEU B 320 -2.81 -13.96 -22.64
C LEU B 320 -1.55 -13.40 -22.04
N VAL B 321 -0.40 -14.05 -22.26
CA VAL B 321 0.83 -13.54 -21.68
C VAL B 321 1.03 -12.05 -21.77
N ASP B 322 0.75 -11.48 -22.93
CA ASP B 322 0.95 -10.04 -23.12
C ASP B 322 0.08 -9.14 -22.27
N LYS B 323 -1.04 -9.65 -21.76
CA LYS B 323 -1.96 -8.85 -20.95
C LYS B 323 -1.53 -8.65 -19.51
N PHE B 324 -0.45 -9.30 -19.11
CA PHE B 324 0.02 -9.19 -17.74
C PHE B 324 1.48 -8.91 -17.75
N PRO B 325 1.86 -7.75 -18.30
CA PRO B 325 3.28 -7.39 -18.37
C PRO B 325 4.05 -7.36 -17.05
N LEU B 326 3.38 -7.01 -15.95
CA LEU B 326 4.12 -7.01 -14.68
C LEU B 326 4.43 -8.44 -14.23
N PHE B 327 3.42 -9.28 -14.25
CA PHE B 327 3.55 -10.69 -13.85
C PHE B 327 4.59 -11.37 -14.76
N MSE B 328 4.51 -11.08 -16.06
CA MSE B 328 5.41 -11.69 -17.03
C MSE B 328 6.83 -11.17 -17.01
O MSE B 328 7.75 -11.93 -17.31
CB MSE B 328 4.78 -11.61 -18.41
CG MSE B 328 3.42 -12.33 -18.44
SE MSE B 328 3.54 -14.29 -18.06
CE MSE B 328 3.42 -14.28 -16.11
N ALA B 329 7.04 -9.90 -16.68
CA ALA B 329 8.43 -9.43 -16.56
C ALA B 329 9.04 -10.12 -15.34
N VAL B 330 8.26 -10.35 -14.28
CA VAL B 330 8.81 -11.01 -13.08
C VAL B 330 9.23 -12.42 -13.47
N TYR B 331 8.39 -13.06 -14.27
CA TYR B 331 8.66 -14.41 -14.75
C TYR B 331 9.93 -14.48 -15.61
N LYS B 332 10.03 -13.59 -16.59
CA LYS B 332 11.19 -13.59 -17.46
C LYS B 332 12.49 -13.26 -16.76
N VAL B 333 12.46 -12.40 -15.74
CA VAL B 333 13.70 -12.08 -15.07
C VAL B 333 14.15 -13.27 -14.25
N CYS B 334 13.21 -13.87 -13.51
CA CYS B 334 13.55 -15.03 -12.69
C CYS B 334 13.91 -16.30 -13.46
N TYR B 335 13.34 -16.50 -14.64
CA TYR B 335 13.56 -17.76 -15.34
C TYR B 335 14.24 -17.76 -16.67
N GLU B 336 14.06 -16.64 -17.38
CA GLU B 336 14.61 -16.52 -18.72
C GLU B 336 15.68 -15.48 -18.97
N GLY B 337 16.43 -15.16 -17.92
CA GLY B 337 17.53 -14.21 -18.06
C GLY B 337 17.23 -12.80 -18.57
N GLN B 338 16.00 -12.30 -18.42
CA GLN B 338 15.74 -10.92 -18.81
C GLN B 338 16.56 -10.08 -17.81
N PRO B 339 17.33 -9.10 -18.30
CA PRO B 339 18.12 -8.31 -17.35
C PRO B 339 17.20 -7.52 -16.44
N VAL B 340 17.51 -7.58 -15.16
CA VAL B 340 16.72 -6.92 -14.12
C VAL B 340 16.63 -5.44 -14.42
N GLY B 341 17.71 -4.90 -14.98
CA GLY B 341 17.74 -3.47 -15.34
C GLY B 341 16.65 -3.09 -16.33
N GLU B 342 16.03 -4.07 -16.98
CA GLU B 342 14.99 -3.77 -17.94
C GLU B 342 13.61 -3.77 -17.31
N PHE B 343 13.54 -3.98 -15.99
CA PHE B 343 12.23 -4.07 -15.34
C PHE B 343 11.22 -2.92 -15.53
N ILE B 344 11.70 -1.68 -15.40
CA ILE B 344 10.89 -0.46 -15.53
C ILE B 344 10.06 -0.41 -16.82
N HIS B 345 10.56 -1.01 -17.89
CA HIS B 345 9.78 -0.98 -19.13
C HIS B 345 8.43 -1.66 -19.01
N CYS B 346 8.25 -2.64 -18.11
CA CYS B 346 6.90 -3.25 -18.02
C CYS B 346 5.96 -2.27 -17.30
N LEU B 347 6.48 -1.31 -16.56
CA LEU B 347 5.60 -0.35 -15.87
C LEU B 347 5.34 0.83 -16.82
N GLN B 348 6.39 1.22 -17.55
CA GLN B 348 6.26 2.36 -18.47
C GLN B 348 5.19 2.34 -19.54
N ASN B 349 4.81 1.19 -20.08
CA ASN B 349 3.76 1.20 -21.12
C ASN B 349 2.55 0.40 -20.60
N HIS B 350 2.48 0.26 -19.29
CA HIS B 350 1.41 -0.55 -18.72
C HIS B 350 0.02 -0.10 -19.06
N PRO B 351 -0.86 -1.05 -19.39
CA PRO B 351 -2.26 -0.66 -19.72
C PRO B 351 -2.81 0.21 -18.55
N GLU B 352 -3.70 1.13 -18.87
CA GLU B 352 -4.23 2.05 -17.86
C GLU B 352 -5.32 1.47 -17.00
N HIS B 353 -6.06 0.53 -17.57
CA HIS B 353 -7.13 -0.16 -16.87
C HIS B 353 -7.23 -1.55 -17.48
N MSE B 354 -7.81 -2.48 -16.73
CA MSE B 354 -7.96 -3.84 -17.17
C MSE B 354 -9.32 -4.38 -16.69
O MSE B 354 -9.63 -5.57 -16.97
OXT MSE B 354 -10.07 -3.61 -16.04
CB MSE B 354 -6.82 -4.70 -16.62
CG MSE B 354 -5.48 -4.31 -17.15
SE MSE B 354 -4.01 -5.39 -16.47
CE MSE B 354 -4.58 -7.16 -17.11
S SO4 C . 19.27 18.15 -12.13
O1 SO4 C . 19.01 19.25 -11.18
O2 SO4 C . 19.60 16.90 -11.41
O3 SO4 C . 18.04 17.96 -12.94
O4 SO4 C . 20.35 18.52 -13.04
S SO4 D . 20.77 8.73 -8.43
O1 SO4 D . 20.56 8.41 -9.88
O2 SO4 D . 19.73 9.70 -7.92
O3 SO4 D . 20.69 7.46 -7.67
O4 SO4 D . 22.13 9.30 -8.25
S SO4 E . 5.09 22.44 -0.76
O1 SO4 E . 5.47 21.54 -1.88
O2 SO4 E . 4.00 21.81 0.07
O3 SO4 E . 6.35 22.72 0.05
O4 SO4 E . 4.59 23.76 -1.29
S SO4 F . 11.97 10.39 5.52
O1 SO4 F . 12.06 9.17 4.63
O2 SO4 F . 11.48 10.02 6.91
O3 SO4 F . 13.32 11.01 5.62
O4 SO4 F . 11.05 11.40 4.92
S SO4 G . 0.79 8.04 -23.83
O1 SO4 G . 0.10 8.25 -22.54
O2 SO4 G . 1.92 7.07 -23.66
O3 SO4 G . -0.23 7.52 -24.79
O4 SO4 G . 1.30 9.34 -24.33
S SO4 H . 3.27 14.71 2.13
O1 SO4 H . 2.73 13.95 0.97
O2 SO4 H . 3.04 13.95 3.43
O3 SO4 H . 4.73 14.91 1.92
O4 SO4 H . 2.63 16.07 2.21
S SO4 I . -19.00 1.43 -6.79
O1 SO4 I . -19.15 0.13 -6.05
O2 SO4 I . -20.30 2.18 -6.87
O3 SO4 I . -17.99 2.23 -6.05
O4 SO4 I . -18.51 1.19 -8.17
S SO4 J . -18.85 -4.31 11.19
O1 SO4 J . -18.63 -4.09 9.72
O2 SO4 J . -19.39 -5.71 11.45
O3 SO4 J . -17.55 -4.15 11.92
O4 SO4 J . -19.80 -3.27 11.71
S SO4 K . 8.03 -20.59 6.69
O1 SO4 K . 7.29 -19.53 7.41
O2 SO4 K . 7.24 -21.88 6.72
O3 SO4 K . 8.23 -20.10 5.28
O4 SO4 K . 9.39 -20.83 7.32
S SO4 L . 7.15 -13.33 2.07
O1 SO4 L . 6.92 -14.74 1.63
O2 SO4 L . 7.97 -13.26 3.34
O3 SO4 L . 7.82 -12.70 0.90
O4 SO4 L . 5.89 -12.66 2.32
S SO4 M . -5.54 1.16 -21.89
O1 SO4 M . -6.20 1.03 -23.21
O2 SO4 M . -6.32 0.41 -20.84
O3 SO4 M . -4.15 0.62 -22.01
O4 SO4 M . -5.42 2.60 -21.50
S SO4 N . 8.21 -13.17 23.21
O1 SO4 N . 7.84 -12.99 24.62
O2 SO4 N . 9.34 -14.16 23.03
O3 SO4 N . 6.99 -13.62 22.48
O4 SO4 N . 8.62 -11.84 22.67
S SO4 O . -16.84 -5.67 -8.97
O1 SO4 O . -17.57 -5.97 -10.24
O2 SO4 O . -17.65 -6.17 -7.82
O3 SO4 O . -15.52 -6.35 -9.02
O4 SO4 O . -16.60 -4.18 -8.88
S SO4 P . -15.17 -9.48 17.39
O1 SO4 P . -14.52 -10.74 16.94
O2 SO4 P . -15.71 -9.66 18.78
O3 SO4 P . -14.13 -8.41 17.35
O4 SO4 P . -16.28 -9.11 16.45
#